data_7XCP
#
_entry.id   7XCP
#
_cell.length_a   1.00
_cell.length_b   1.00
_cell.length_c   1.00
_cell.angle_alpha   90.00
_cell.angle_beta   90.00
_cell.angle_gamma   90.00
#
_symmetry.space_group_name_H-M   'P 1'
#
loop_
_entity.id
_entity.type
_entity.pdbx_description
1 polymer 'Processed angiotensin-converting enzyme 2'
2 polymer 'Spike protein S1'
3 polymer 'Heavy chain of 304 Fab'
4 polymer 'Lignt chain of 304 Fab'
5 branched 2-acetamido-2-deoxy-beta-D-glucopyranose-(1-4)-2-acetamido-2-deoxy-beta-D-glucopyranose
6 non-polymer 2-acetamido-2-deoxy-beta-D-glucopyranose
7 non-polymer 'ZINC ION'
#
loop_
_entity_poly.entity_id
_entity_poly.type
_entity_poly.pdbx_seq_one_letter_code
_entity_poly.pdbx_strand_id
1 'polypeptide(L)'
;STIEEQAKTFLDKFNHEAEDLFYQSSLASWNYNTNITEENVQNMNNAGDKWSAFLKEQSTLAQMYPLQEIQNLTVKLQLQ
ALQQNGSSVLSEDKSKRLNTILNTMSTIYSTGKVCNPDNPQECLLLEPGLNEIMANSLDYNERLWAWESWRSEVGKQLRP
LYEEYVVLKNEMARANHYEDYGDYWRGDYEVNGVDGYDYSRGQLIEDVEHTFEEIKPLYEHLHAYVRAKLMNAYPSYISP
IGCLPAHLLGDMWGRFWTNLYSLTVPFGQKPNIDVTDAMVDQAWDAQRIFKEAEKFFVSVGLPNMTQGFWENSMLTDPGN
VQKAVCHPTAWDLGKGDFRILMCTKVTMDDFLTAHHEMGHIQYDMAYAAQPFLLRNGANEGFHEAVGEIMSLSAATPKHL
KSIGLLSPDFQEDNETEINFLLKQALTIVGTLPFTYMLEKWRWMVFKGEIPKDQWMKKWWEMKREIVGVVEPVPHDETYC
DPASLFHVSNDYSFIRYYTRTLYQFQFQEALCQAAKHEGPLHKCDISNSTEAGQKLFNMLRLGKSEPWTLALENVVGAKN
MNVRPLLNYFEPLFTWLKDQNKNSFVGWSTDWSPYA
;
A
2 'polypeptide(L)'
;TNLCPFDEVFNATRFASVYAWNRKRISNCVADYSVLYNLAPFFTFKCYGVSPTKLNDLCFTNVYADSFVIRGDEVRQIAP
GQTGNIADYNYKLPDDFTGCVIAWNSNKLDSKVSGNYNYLYRLFRKSNLKPFERDISTEIYQAGNKPCNGVAGFNCYFPL
RSYSFRPTYGVGHQPYRVVVLSFELLHAPATVCGP
;
B
3 'polypeptide(L)'
;EVQLVESGGGLVQPGGSLRLSCAASGFTFSSYDMHWVRQTTGKGLEWVSTIGTAGDTYYPDSVKGRFTISREDAKNSLYL
QMNSLRAGDTAVYYCARGDSSGYYYYFDYWGQGTLLTVSSASTKGPSVFPLAPSSKSTSGGTAALGCLVKDYFPEPVTVS
WNSGALTSGVHTFPAVLQSSGLYSLSSVVTVPSSSLGTQTYICNVNHKPSNTKVDKKVEPKSC
;
H
4 'polypeptide(L)'
;DIQMTQSPSSLSAAVGDRVTITCRASQSIGSYLNWYQQKPGKAPKLLIYAASSLQSGVPSRFSGSGSGTDFTLTISSLQP
EDFAIYYCQQSYVSPTYTFGPGTKVDIKRTVAAPSVFIFPPSDEQLKSGTASVVCLLNNFYPREAKVQWKVDNALQSGNS
QESVTEQDSKDSTYSLSSTLTLSKADYEKHKVYACEVTHQGLSSPVTKSFNRGEC
;
L
#
# COMPACT_ATOMS: atom_id res chain seq x y z
N SER A 1 -30.86 -10.35 -18.09
CA SER A 1 -29.61 -10.59 -17.38
C SER A 1 -29.84 -10.63 -15.87
N THR A 2 -28.92 -11.27 -15.16
CA THR A 2 -29.01 -11.36 -13.70
C THR A 2 -28.73 -10.01 -13.06
N ILE A 3 -29.24 -9.85 -11.84
CA ILE A 3 -29.03 -8.61 -11.10
C ILE A 3 -27.58 -8.46 -10.66
N GLU A 4 -26.82 -9.55 -10.61
CA GLU A 4 -25.42 -9.47 -10.23
C GLU A 4 -24.62 -8.65 -11.24
N GLU A 5 -24.87 -8.86 -12.53
CA GLU A 5 -24.18 -8.08 -13.56
C GLU A 5 -24.55 -6.61 -13.48
N GLN A 6 -25.83 -6.31 -13.20
CA GLN A 6 -26.24 -4.92 -13.03
C GLN A 6 -25.52 -4.28 -11.85
N ALA A 7 -25.43 -4.99 -10.73
CA ALA A 7 -24.72 -4.47 -9.57
C ALA A 7 -23.25 -4.25 -9.89
N LYS A 8 -22.63 -5.18 -10.62
CA LYS A 8 -21.22 -5.02 -10.99
C LYS A 8 -21.01 -3.80 -11.88
N THR A 9 -21.89 -3.60 -12.85
CA THR A 9 -21.76 -2.44 -13.74
C THR A 9 -21.95 -1.13 -12.97
N PHE A 10 -22.96 -1.09 -12.09
CA PHE A 10 -23.17 0.12 -11.29
C PHE A 10 -21.99 0.37 -10.36
N LEU A 11 -21.40 -0.70 -9.82
CA LEU A 11 -20.24 -0.54 -8.96
C LEU A 11 -19.03 -0.03 -9.72
N ASP A 12 -18.85 -0.48 -10.97
CA ASP A 12 -17.78 0.06 -11.80
C ASP A 12 -17.99 1.55 -12.06
N LYS A 13 -19.23 1.95 -12.38
CA LYS A 13 -19.53 3.37 -12.57
C LYS A 13 -19.22 4.16 -11.32
N PHE A 14 -19.67 3.68 -10.17
CA PHE A 14 -19.41 4.40 -8.92
C PHE A 14 -17.93 4.45 -8.64
N ASN A 15 -17.20 3.38 -8.90
CA ASN A 15 -15.75 3.38 -8.69
C ASN A 15 -15.11 4.49 -9.49
N HIS A 16 -15.44 4.58 -10.79
CA HIS A 16 -14.80 5.59 -11.63
C HIS A 16 -15.14 7.01 -11.17
N GLU A 17 -16.43 7.34 -11.12
CA GLU A 17 -16.79 8.72 -10.79
C GLU A 17 -16.40 9.07 -9.36
N ALA A 18 -16.49 8.12 -8.42
CA ALA A 18 -16.05 8.37 -7.06
C ALA A 18 -14.55 8.61 -7.00
N GLU A 19 -13.76 7.86 -7.75
CA GLU A 19 -12.33 8.12 -7.80
C GLU A 19 -12.04 9.53 -8.29
N ASP A 20 -12.69 9.94 -9.38
CA ASP A 20 -12.44 11.26 -9.94
C ASP A 20 -12.83 12.36 -8.94
N LEU A 21 -14.04 12.29 -8.40
CA LEU A 21 -14.51 13.34 -7.51
C LEU A 21 -13.76 13.33 -6.17
N PHE A 22 -13.38 12.16 -5.68
CA PHE A 22 -12.60 12.07 -4.45
C PHE A 22 -11.22 12.68 -4.65
N TYR A 23 -10.59 12.44 -5.81
CA TYR A 23 -9.31 13.09 -6.07
C TYR A 23 -9.47 14.60 -6.13
N GLN A 24 -10.54 15.07 -6.78
CA GLN A 24 -10.78 16.52 -6.82
C GLN A 24 -10.91 17.10 -5.42
N SER A 25 -11.74 16.46 -4.58
CA SER A 25 -11.97 16.95 -3.23
C SER A 25 -10.68 16.89 -2.40
N SER A 26 -9.92 15.81 -2.53
CA SER A 26 -8.68 15.67 -1.78
C SER A 26 -7.66 16.72 -2.20
N LEU A 27 -7.56 17.00 -3.50
CA LEU A 27 -6.65 18.04 -3.97
C LEU A 27 -7.06 19.40 -3.44
N ALA A 28 -8.35 19.70 -3.46
CA ALA A 28 -8.82 20.98 -2.92
C ALA A 28 -8.53 21.09 -1.43
N SER A 29 -8.78 20.02 -0.68
CA SER A 29 -8.52 20.04 0.76
C SER A 29 -7.03 20.17 1.06
N TRP A 30 -6.19 19.49 0.29
CA TRP A 30 -4.74 19.62 0.47
C TRP A 30 -4.27 21.03 0.16
N ASN A 31 -4.82 21.64 -0.89
CA ASN A 31 -4.47 23.02 -1.22
C ASN A 31 -4.88 23.97 -0.10
N TYR A 32 -6.06 23.74 0.48
CA TYR A 32 -6.47 24.56 1.62
C TYR A 32 -5.55 24.35 2.83
N ASN A 33 -5.18 23.09 3.11
CA ASN A 33 -4.40 22.79 4.30
C ASN A 33 -2.99 23.36 4.20
N THR A 34 -2.33 23.19 3.04
CA THR A 34 -1.00 23.73 2.85
C THR A 34 -0.99 25.24 2.64
N ASN A 35 -2.14 25.82 2.28
CA ASN A 35 -2.20 27.23 1.92
C ASN A 35 -3.61 27.72 2.26
N ILE A 36 -3.75 28.37 3.41
CA ILE A 36 -5.05 28.81 3.91
C ILE A 36 -5.34 30.17 3.30
N THR A 37 -6.18 30.19 2.26
CA THR A 37 -6.64 31.42 1.63
C THR A 37 -8.11 31.29 1.32
N GLU A 38 -8.77 32.44 1.10
CA GLU A 38 -10.21 32.43 0.86
C GLU A 38 -10.57 31.66 -0.40
N GLU A 39 -9.79 31.82 -1.47
CA GLU A 39 -10.05 31.08 -2.70
C GLU A 39 -9.89 29.58 -2.47
N ASN A 40 -8.88 29.19 -1.68
CA ASN A 40 -8.70 27.78 -1.36
C ASN A 40 -9.89 27.25 -0.56
N VAL A 41 -10.40 28.05 0.38
CA VAL A 41 -11.58 27.64 1.14
C VAL A 41 -12.78 27.44 0.23
N GLN A 42 -12.99 28.38 -0.71
CA GLN A 42 -14.12 28.24 -1.62
C GLN A 42 -13.97 27.01 -2.51
N ASN A 43 -12.76 26.76 -3.02
CA ASN A 43 -12.55 25.57 -3.85
C ASN A 43 -12.78 24.29 -3.06
N MET A 44 -12.27 24.24 -1.83
CA MET A 44 -12.48 23.07 -0.98
C MET A 44 -13.97 22.85 -0.71
N ASN A 45 -14.69 23.93 -0.40
CA ASN A 45 -16.13 23.80 -0.13
C ASN A 45 -16.88 23.32 -1.35
N ASN A 46 -16.56 23.86 -2.53
CA ASN A 46 -17.22 23.42 -3.75
C ASN A 46 -16.94 21.95 -4.05
N ALA A 47 -15.67 21.54 -3.93
CA ALA A 47 -15.32 20.15 -4.20
C ALA A 47 -16.01 19.21 -3.20
N GLY A 48 -16.03 19.59 -1.92
CA GLY A 48 -16.69 18.75 -0.93
C GLY A 48 -18.18 18.65 -1.15
N ASP A 49 -18.82 19.77 -1.51
CA ASP A 49 -20.25 19.74 -1.79
C ASP A 49 -20.56 18.86 -2.99
N LYS A 50 -19.76 18.96 -4.05
CA LYS A 50 -19.97 18.10 -5.21
C LYS A 50 -19.78 16.63 -4.85
N TRP A 51 -18.74 16.33 -4.07
CA TRP A 51 -18.48 14.95 -3.67
C TRP A 51 -19.62 14.40 -2.82
N SER A 52 -20.12 15.19 -1.87
CA SER A 52 -21.21 14.74 -1.01
C SER A 52 -22.50 14.56 -1.81
N ALA A 53 -22.80 15.48 -2.72
CA ALA A 53 -24.00 15.34 -3.54
C ALA A 53 -23.92 14.10 -4.41
N PHE A 54 -22.76 13.85 -5.01
CA PHE A 54 -22.58 12.64 -5.81
C PHE A 54 -22.74 11.39 -4.98
N LEU A 55 -22.17 11.38 -3.77
CA LEU A 55 -22.30 10.22 -2.89
C LEU A 55 -23.76 9.98 -2.52
N LYS A 56 -24.50 11.04 -2.19
CA LYS A 56 -25.90 10.90 -1.85
C LYS A 56 -26.70 10.36 -3.02
N GLU A 57 -26.46 10.89 -4.23
CA GLU A 57 -27.18 10.42 -5.40
C GLU A 57 -26.87 8.96 -5.69
N GLN A 58 -25.60 8.57 -5.57
CA GLN A 58 -25.23 7.18 -5.85
C GLN A 58 -25.82 6.23 -4.82
N SER A 59 -25.83 6.62 -3.54
CA SER A 59 -26.45 5.77 -2.53
C SER A 59 -27.96 5.65 -2.75
N THR A 60 -28.60 6.75 -3.12
CA THR A 60 -30.03 6.70 -3.43
C THR A 60 -30.31 5.77 -4.60
N LEU A 61 -29.48 5.83 -5.65
CA LEU A 61 -29.66 4.95 -6.79
C LEU A 61 -29.38 3.50 -6.42
N ALA A 62 -28.40 3.28 -5.53
CA ALA A 62 -28.05 1.92 -5.13
C ALA A 62 -29.09 1.30 -4.21
N GLN A 63 -29.89 2.11 -3.51
CA GLN A 63 -30.88 1.57 -2.59
C GLN A 63 -31.88 0.64 -3.29
N MET A 64 -32.09 0.78 -4.59
CA MET A 64 -32.94 -0.15 -5.34
C MET A 64 -32.19 -1.38 -5.81
N TYR A 65 -31.02 -1.68 -5.24
CA TYR A 65 -30.35 -2.94 -5.50
C TYR A 65 -30.50 -3.84 -4.28
N PRO A 66 -31.34 -4.87 -4.33
CA PRO A 66 -31.51 -5.75 -3.16
C PRO A 66 -30.22 -6.48 -2.82
N LEU A 67 -30.03 -6.71 -1.53
CA LEU A 67 -28.76 -7.27 -1.05
C LEU A 67 -28.66 -8.78 -1.29
N GLN A 68 -29.76 -9.51 -1.15
CA GLN A 68 -29.69 -10.96 -1.06
C GLN A 68 -29.87 -11.68 -2.38
N GLU A 69 -29.93 -10.97 -3.51
CA GLU A 69 -29.93 -11.61 -4.82
C GLU A 69 -28.59 -11.49 -5.54
N ILE A 70 -27.55 -11.04 -4.84
CA ILE A 70 -26.18 -11.04 -5.37
C ILE A 70 -25.35 -11.94 -4.47
N GLN A 71 -24.66 -12.91 -5.08
CA GLN A 71 -23.92 -13.91 -4.32
C GLN A 71 -22.44 -13.59 -4.17
N ASN A 72 -21.89 -12.71 -5.02
CA ASN A 72 -20.48 -12.37 -4.90
C ASN A 72 -20.22 -11.59 -3.62
N LEU A 73 -19.17 -11.99 -2.89
CA LEU A 73 -18.88 -11.37 -1.61
C LEU A 73 -18.30 -9.97 -1.79
N THR A 74 -17.41 -9.79 -2.77
CA THR A 74 -16.85 -8.47 -3.02
C THR A 74 -17.92 -7.49 -3.48
N VAL A 75 -18.76 -7.92 -4.42
CA VAL A 75 -19.82 -7.06 -4.93
C VAL A 75 -20.81 -6.72 -3.82
N LYS A 76 -21.17 -7.71 -3.00
CA LYS A 76 -22.08 -7.45 -1.88
C LYS A 76 -21.46 -6.50 -0.88
N LEU A 77 -20.16 -6.65 -0.61
CA LEU A 77 -19.49 -5.75 0.34
C LEU A 77 -19.49 -4.32 -0.18
N GLN A 78 -19.17 -4.13 -1.46
CA GLN A 78 -19.18 -2.78 -2.03
C GLN A 78 -20.59 -2.19 -2.02
N LEU A 79 -21.59 -3.00 -2.38
CA LEU A 79 -22.96 -2.51 -2.39
C LEU A 79 -23.42 -2.13 -0.99
N GLN A 80 -23.07 -2.94 0.01
CA GLN A 80 -23.43 -2.62 1.39
C GLN A 80 -22.73 -1.35 1.86
N ALA A 81 -21.45 -1.18 1.50
CA ALA A 81 -20.73 0.02 1.89
C ALA A 81 -21.35 1.26 1.27
N LEU A 82 -21.77 1.17 0.00
CA LEU A 82 -22.38 2.32 -0.66
C LEU A 82 -23.76 2.62 -0.10
N GLN A 83 -24.56 1.58 0.14
CA GLN A 83 -25.91 1.80 0.69
C GLN A 83 -25.84 2.28 2.13
N GLN A 84 -24.87 1.81 2.91
CA GLN A 84 -24.71 2.26 4.28
C GLN A 84 -24.40 3.75 4.36
N ASN A 85 -23.75 4.30 3.33
CA ASN A 85 -23.37 5.71 3.36
C ASN A 85 -24.60 6.61 3.36
N GLY A 86 -25.61 6.28 2.57
CA GLY A 86 -26.78 7.13 2.45
C GLY A 86 -27.61 7.13 3.73
N SER A 87 -27.69 8.27 4.40
CA SER A 87 -28.50 8.43 5.59
C SER A 87 -29.85 9.06 5.30
N SER A 88 -30.18 9.28 4.02
CA SER A 88 -31.44 9.92 3.63
C SER A 88 -32.57 8.89 3.69
N VAL A 89 -32.93 8.51 4.91
CA VAL A 89 -34.02 7.59 5.14
C VAL A 89 -35.22 8.26 5.82
N LEU A 90 -35.01 9.32 6.59
CA LEU A 90 -36.08 10.05 7.24
C LEU A 90 -36.52 11.21 6.36
N SER A 91 -37.47 12.00 6.88
CA SER A 91 -37.93 13.17 6.15
C SER A 91 -36.85 14.24 6.12
N GLU A 92 -36.95 15.14 5.14
CA GLU A 92 -35.94 16.18 4.97
C GLU A 92 -35.91 17.13 6.15
N ASP A 93 -37.06 17.39 6.76
CA ASP A 93 -37.11 18.32 7.89
C ASP A 93 -36.29 17.82 9.06
N LYS A 94 -36.52 16.57 9.49
CA LYS A 94 -35.77 16.05 10.63
C LYS A 94 -34.32 15.75 10.26
N SER A 95 -34.04 15.44 8.99
CA SER A 95 -32.66 15.28 8.56
C SER A 95 -31.90 16.60 8.67
N LYS A 96 -32.53 17.70 8.23
CA LYS A 96 -31.90 19.01 8.37
C LYS A 96 -31.76 19.39 9.83
N ARG A 97 -32.76 19.03 10.65
CA ARG A 97 -32.67 19.31 12.08
C ARG A 97 -31.50 18.56 12.71
N LEU A 98 -31.30 17.30 12.31
CA LEU A 98 -30.17 16.52 12.78
C LEU A 98 -28.84 17.12 12.32
N ASN A 99 -28.80 17.60 11.08
CA ASN A 99 -27.59 18.28 10.60
C ASN A 99 -27.31 19.54 11.42
N THR A 100 -28.37 20.26 11.80
CA THR A 100 -28.21 21.41 12.69
C THR A 100 -27.67 20.98 14.05
N ILE A 101 -28.15 19.84 14.56
CA ILE A 101 -27.62 19.30 15.81
C ILE A 101 -26.13 19.05 15.69
N LEU A 102 -25.71 18.41 14.59
CA LEU A 102 -24.29 18.13 14.39
C LEU A 102 -23.47 19.42 14.29
N ASN A 103 -23.97 20.41 13.55
CA ASN A 103 -23.27 21.68 13.42
C ASN A 103 -23.16 22.38 14.77
N THR A 104 -24.22 22.33 15.58
CA THR A 104 -24.19 22.92 16.92
C THR A 104 -23.16 22.20 17.79
N MET A 105 -23.10 20.87 17.68
CA MET A 105 -22.06 20.10 18.38
C MET A 105 -20.68 20.65 18.03
N SER A 106 -20.39 20.75 16.74
CA SER A 106 -19.06 21.16 16.31
C SER A 106 -18.75 22.58 16.77
N THR A 107 -19.70 23.50 16.58
CA THR A 107 -19.44 24.89 16.91
C THR A 107 -19.28 25.11 18.40
N ILE A 108 -20.14 24.49 19.22
CA ILE A 108 -20.03 24.67 20.66
C ILE A 108 -18.72 24.07 21.16
N TYR A 109 -18.36 22.89 20.66
CA TYR A 109 -17.10 22.30 21.12
C TYR A 109 -15.89 23.14 20.71
N SER A 110 -15.90 23.66 19.48
CA SER A 110 -14.74 24.40 18.98
C SER A 110 -14.61 25.76 19.65
N THR A 111 -15.73 26.44 19.89
CA THR A 111 -15.70 27.80 20.41
C THR A 111 -15.76 27.87 21.94
N GLY A 112 -15.66 26.73 22.62
CA GLY A 112 -15.64 26.73 24.08
C GLY A 112 -14.50 27.57 24.64
N LYS A 113 -14.82 28.46 25.56
CA LYS A 113 -13.84 29.40 26.10
C LYS A 113 -14.17 29.66 27.56
N VAL A 114 -13.16 29.53 28.43
CA VAL A 114 -13.35 29.60 29.88
C VAL A 114 -12.68 30.87 30.39
N CYS A 115 -13.43 31.67 31.14
CA CYS A 115 -12.91 32.90 31.75
C CYS A 115 -12.67 32.66 33.23
N ASN A 116 -11.48 33.02 33.69
CA ASN A 116 -11.13 32.84 35.10
C ASN A 116 -11.94 33.80 35.97
N PRO A 117 -12.20 33.42 37.22
CA PRO A 117 -12.97 34.31 38.11
C PRO A 117 -12.23 35.62 38.37
N ASP A 118 -13.01 36.66 38.62
CA ASP A 118 -12.55 38.02 38.90
C ASP A 118 -11.81 38.66 37.73
N ASN A 119 -11.94 38.09 36.53
CA ASN A 119 -11.30 38.65 35.35
C ASN A 119 -11.96 38.10 34.09
N PRO A 120 -13.11 38.64 33.68
CA PRO A 120 -13.75 38.17 32.44
C PRO A 120 -13.15 38.81 31.20
N GLN A 121 -11.82 38.91 31.16
CA GLN A 121 -11.11 39.40 29.98
C GLN A 121 -9.95 38.49 29.65
N GLU A 122 -9.41 37.82 30.68
CA GLU A 122 -8.31 36.87 30.51
C GLU A 122 -8.91 35.47 30.46
N CYS A 123 -9.43 35.12 29.29
CA CYS A 123 -10.07 33.83 29.07
C CYS A 123 -9.24 32.98 28.13
N LEU A 124 -9.27 31.67 28.36
CA LEU A 124 -8.47 30.71 27.61
C LEU A 124 -9.38 29.69 26.93
N LEU A 125 -8.96 29.25 25.75
CA LEU A 125 -9.64 28.17 25.05
C LEU A 125 -9.12 26.82 25.55
N LEU A 126 -9.76 25.75 25.07
CA LEU A 126 -9.27 24.41 25.39
C LEU A 126 -7.89 24.17 24.82
N GLU A 127 -7.66 24.60 23.58
CA GLU A 127 -6.38 24.46 22.91
C GLU A 127 -5.96 25.80 22.32
N PRO A 128 -4.74 26.27 22.57
CA PRO A 128 -3.75 25.63 23.44
C PRO A 128 -3.86 26.08 24.89
N GLY A 129 -4.91 26.84 25.21
CA GLY A 129 -5.04 27.42 26.53
C GLY A 129 -5.17 26.43 27.66
N LEU A 130 -6.27 25.69 27.70
CA LEU A 130 -6.49 24.73 28.78
C LEU A 130 -5.65 23.47 28.60
N ASN A 131 -5.32 23.11 27.36
CA ASN A 131 -4.51 21.92 27.13
C ASN A 131 -3.12 22.09 27.75
N GLU A 132 -2.52 23.27 27.60
CA GLU A 132 -1.20 23.51 28.18
C GLU A 132 -1.23 23.45 29.70
N ILE A 133 -2.25 24.05 30.31
CA ILE A 133 -2.31 24.04 31.77
C ILE A 133 -2.63 22.64 32.29
N MET A 134 -3.32 21.83 31.50
CA MET A 134 -3.57 20.45 31.91
C MET A 134 -2.31 19.60 31.78
N ALA A 135 -1.55 19.78 30.69
CA ALA A 135 -0.42 18.92 30.40
C ALA A 135 0.89 19.40 31.02
N ASN A 136 0.92 20.59 31.62
CA ASN A 136 2.19 21.07 32.17
C ASN A 136 2.10 21.48 33.63
N SER A 137 1.00 22.07 34.06
CA SER A 137 0.89 22.55 35.43
C SER A 137 0.72 21.39 36.40
N LEU A 138 1.16 21.59 37.64
CA LEU A 138 1.05 20.59 38.70
C LEU A 138 0.28 21.10 39.91
N ASP A 139 -0.36 22.27 39.80
CA ASP A 139 -1.11 22.83 40.92
C ASP A 139 -2.49 22.20 40.98
N TYR A 140 -2.82 21.59 42.12
CA TYR A 140 -4.09 20.86 42.25
C TYR A 140 -5.28 21.79 42.03
N ASN A 141 -5.27 22.96 42.67
CA ASN A 141 -6.43 23.85 42.61
C ASN A 141 -6.65 24.36 41.18
N GLU A 142 -5.58 24.74 40.48
CA GLU A 142 -5.73 25.30 39.15
C GLU A 142 -6.27 24.27 38.16
N ARG A 143 -5.72 23.06 38.18
CA ARG A 143 -6.22 22.01 37.29
C ARG A 143 -7.65 21.64 37.63
N LEU A 144 -7.98 21.56 38.93
CA LEU A 144 -9.37 21.27 39.30
C LEU A 144 -10.31 22.36 38.81
N TRP A 145 -9.91 23.63 38.96
CA TRP A 145 -10.76 24.73 38.51
C TRP A 145 -10.96 24.69 37.00
N ALA A 146 -9.88 24.48 36.25
CA ALA A 146 -10.01 24.40 34.79
C ALA A 146 -10.89 23.23 34.39
N TRP A 147 -10.70 22.08 35.03
CA TRP A 147 -11.52 20.89 34.75
C TRP A 147 -12.99 21.18 34.96
N GLU A 148 -13.36 21.68 36.14
CA GLU A 148 -14.76 21.94 36.43
C GLU A 148 -15.33 23.03 35.53
N SER A 149 -14.55 24.08 35.29
CA SER A 149 -15.04 25.20 34.49
C SER A 149 -15.31 24.78 33.05
N TRP A 150 -14.40 24.01 32.45
CA TRP A 150 -14.63 23.59 31.07
C TRP A 150 -15.76 22.56 30.98
N ARG A 151 -15.86 21.65 31.94
CA ARG A 151 -16.96 20.69 31.88
C ARG A 151 -18.30 21.27 32.30
N SER A 152 -18.32 22.47 32.89
CA SER A 152 -19.58 23.11 33.26
C SER A 152 -20.02 24.18 32.27
N GLU A 153 -19.09 24.92 31.68
CA GLU A 153 -19.45 25.95 30.72
C GLU A 153 -19.80 25.41 29.35
N VAL A 154 -19.53 24.13 29.09
CA VAL A 154 -19.79 23.50 27.81
C VAL A 154 -20.74 22.31 27.93
N GLY A 155 -20.52 21.46 28.94
CA GLY A 155 -21.33 20.26 29.08
C GLY A 155 -22.80 20.55 29.31
N LYS A 156 -23.11 21.57 30.12
CA LYS A 156 -24.49 21.94 30.36
C LYS A 156 -25.15 22.44 29.08
N GLN A 157 -24.38 23.12 28.22
CA GLN A 157 -24.89 23.56 26.94
C GLN A 157 -25.18 22.41 25.99
N LEU A 158 -24.64 21.21 26.27
CA LEU A 158 -24.80 20.09 25.35
C LEU A 158 -25.69 18.98 25.86
N ARG A 159 -25.94 18.91 27.18
CA ARG A 159 -26.62 17.75 27.74
C ARG A 159 -27.99 17.50 27.11
N PRO A 160 -29.01 18.35 27.28
CA PRO A 160 -30.32 18.04 26.66
C PRO A 160 -30.25 18.00 25.15
N LEU A 161 -29.39 18.81 24.55
CA LEU A 161 -29.21 18.77 23.11
C LEU A 161 -28.62 17.43 22.68
N TYR A 162 -27.72 16.87 23.48
CA TYR A 162 -27.19 15.55 23.17
C TYR A 162 -28.24 14.47 23.37
N GLU A 163 -29.14 14.65 24.35
CA GLU A 163 -30.26 13.71 24.46
C GLU A 163 -31.13 13.73 23.21
N GLU A 164 -31.42 14.93 22.70
CA GLU A 164 -32.18 15.03 21.45
C GLU A 164 -31.42 14.40 20.30
N TYR A 165 -30.10 14.59 20.25
CA TYR A 165 -29.28 13.94 19.23
C TYR A 165 -29.36 12.43 19.32
N VAL A 166 -29.32 11.90 20.55
CA VAL A 166 -29.41 10.45 20.75
C VAL A 166 -30.76 9.94 20.27
N VAL A 167 -31.84 10.66 20.59
CA VAL A 167 -33.17 10.25 20.15
C VAL A 167 -33.25 10.23 18.63
N LEU A 168 -32.76 11.30 18.00
CA LEU A 168 -32.83 11.39 16.54
C LEU A 168 -31.99 10.32 15.86
N LYS A 169 -30.79 10.07 16.38
CA LYS A 169 -29.93 9.06 15.79
C LYS A 169 -30.50 7.66 15.99
N ASN A 170 -31.11 7.41 17.15
CA ASN A 170 -31.78 6.12 17.35
C ASN A 170 -32.94 5.94 16.37
N GLU A 171 -33.72 7.00 16.16
CA GLU A 171 -34.82 6.91 15.19
C GLU A 171 -34.28 6.63 13.79
N MET A 172 -33.21 7.31 13.41
CA MET A 172 -32.60 7.08 12.09
C MET A 172 -32.07 5.66 11.96
N ALA A 173 -31.44 5.15 13.02
CA ALA A 173 -30.89 3.79 12.98
C ALA A 173 -31.98 2.75 12.87
N ARG A 174 -33.05 2.89 13.65
CA ARG A 174 -34.19 1.99 13.52
C ARG A 174 -34.85 2.13 12.15
N ALA A 175 -34.75 3.31 11.54
CA ALA A 175 -35.22 3.47 10.16
C ALA A 175 -34.31 2.75 9.17
N ASN A 176 -33.09 2.41 9.56
CA ASN A 176 -32.14 1.70 8.70
C ASN A 176 -32.05 0.21 9.05
N HIS A 177 -33.01 -0.30 9.83
CA HIS A 177 -33.04 -1.70 10.26
C HIS A 177 -31.81 -2.06 11.08
N TYR A 178 -31.59 -1.28 12.14
CA TYR A 178 -30.55 -1.54 13.12
C TYR A 178 -31.14 -1.39 14.51
N GLU A 179 -30.55 -2.08 15.48
CA GLU A 179 -31.05 -2.02 16.85
C GLU A 179 -30.92 -0.62 17.42
N ASP A 180 -29.80 0.06 17.15
CA ASP A 180 -29.57 1.42 17.63
C ASP A 180 -28.43 2.02 16.83
N TYR A 181 -27.99 3.21 17.26
CA TYR A 181 -26.79 3.81 16.66
C TYR A 181 -25.54 3.05 17.05
N GLY A 182 -25.53 2.43 18.23
CA GLY A 182 -24.41 1.58 18.61
C GLY A 182 -24.30 0.36 17.71
N ASP A 183 -25.44 -0.23 17.34
CA ASP A 183 -25.42 -1.32 16.37
C ASP A 183 -24.91 -0.82 15.03
N TYR A 184 -25.31 0.38 14.63
CA TYR A 184 -24.82 0.98 13.39
C TYR A 184 -23.29 1.13 13.42
N TRP A 185 -22.74 1.54 14.58
CA TRP A 185 -21.30 1.66 14.70
C TRP A 185 -20.61 0.30 14.67
N ARG A 186 -21.15 -0.68 15.40
CA ARG A 186 -20.59 -2.02 15.40
C ARG A 186 -20.73 -2.71 14.05
N GLY A 187 -21.57 -2.20 13.16
CA GLY A 187 -21.68 -2.77 11.83
C GLY A 187 -20.38 -2.77 11.04
N ASP A 188 -19.42 -1.93 11.42
CA ASP A 188 -18.13 -1.93 10.74
C ASP A 188 -17.37 -3.23 10.98
N TYR A 189 -17.61 -3.89 12.11
CA TYR A 189 -16.99 -5.17 12.43
C TYR A 189 -17.81 -6.37 11.96
N GLU A 190 -18.96 -6.13 11.34
CA GLU A 190 -19.84 -7.22 10.93
C GLU A 190 -19.27 -7.95 9.72
N VAL A 191 -19.33 -9.28 9.77
CA VAL A 191 -18.97 -10.14 8.64
C VAL A 191 -20.09 -11.14 8.43
N ASN A 192 -20.57 -11.25 7.20
CA ASN A 192 -21.62 -12.20 6.85
C ASN A 192 -21.33 -12.80 5.48
N GLY A 193 -21.80 -14.03 5.29
CA GLY A 193 -21.64 -14.72 4.02
C GLY A 193 -20.32 -15.44 3.84
N VAL A 194 -19.42 -15.39 4.81
CA VAL A 194 -18.14 -16.07 4.75
C VAL A 194 -18.15 -17.22 5.73
N ASP A 195 -17.90 -18.43 5.24
CA ASP A 195 -17.95 -19.62 6.09
C ASP A 195 -16.73 -19.65 7.01
N GLY A 196 -16.98 -19.66 8.32
CA GLY A 196 -15.93 -19.73 9.30
C GLY A 196 -15.35 -18.40 9.72
N TYR A 197 -15.63 -17.32 8.99
CA TYR A 197 -15.10 -16.01 9.30
C TYR A 197 -16.18 -15.02 9.70
N ASP A 198 -17.40 -15.49 9.96
CA ASP A 198 -18.48 -14.59 10.34
C ASP A 198 -18.18 -13.91 11.68
N TYR A 199 -18.64 -12.66 11.80
CA TYR A 199 -18.46 -11.88 13.02
C TYR A 199 -19.75 -11.09 13.25
N SER A 200 -20.58 -11.58 14.17
CA SER A 200 -21.83 -10.91 14.47
C SER A 200 -21.57 -9.57 15.14
N ARG A 201 -22.49 -8.63 14.93
CA ARG A 201 -22.32 -7.28 15.45
C ARG A 201 -22.32 -7.26 16.98
N GLY A 202 -23.04 -8.19 17.60
CA GLY A 202 -23.00 -8.30 19.05
C GLY A 202 -21.78 -9.00 19.61
N GLN A 203 -21.04 -9.72 18.76
CA GLN A 203 -19.84 -10.40 19.22
C GLN A 203 -18.72 -9.44 19.58
N LEU A 204 -18.73 -8.23 19.00
CA LEU A 204 -17.67 -7.27 19.27
C LEU A 204 -17.66 -6.87 20.75
N ILE A 205 -18.83 -6.66 21.34
CA ILE A 205 -18.91 -6.27 22.74
C ILE A 205 -18.32 -7.37 23.63
N GLU A 206 -18.69 -8.62 23.38
CA GLU A 206 -18.18 -9.73 24.17
C GLU A 206 -16.68 -9.88 24.01
N ASP A 207 -16.18 -9.75 22.77
CA ASP A 207 -14.75 -9.88 22.54
C ASP A 207 -13.97 -8.78 23.24
N VAL A 208 -14.47 -7.54 23.17
CA VAL A 208 -13.80 -6.43 23.85
C VAL A 208 -13.82 -6.63 25.36
N GLU A 209 -14.94 -7.13 25.89
CA GLU A 209 -15.02 -7.41 27.32
C GLU A 209 -13.99 -8.46 27.73
N HIS A 210 -13.88 -9.54 26.97
CA HIS A 210 -12.90 -10.57 27.28
CA HIS A 210 -12.90 -10.57 27.28
C HIS A 210 -11.47 -10.04 27.20
N THR A 211 -11.19 -9.24 26.18
CA THR A 211 -9.84 -8.67 26.04
C THR A 211 -9.51 -7.75 27.21
N PHE A 212 -10.48 -6.93 27.64
CA PHE A 212 -10.23 -6.09 28.81
C PHE A 212 -10.03 -6.92 30.07
N GLU A 213 -10.80 -8.00 30.21
CA GLU A 213 -10.62 -8.88 31.37
C GLU A 213 -9.21 -9.46 31.39
N GLU A 214 -8.68 -9.81 30.23
CA GLU A 214 -7.30 -10.26 30.16
C GLU A 214 -6.31 -9.11 30.43
N ILE A 215 -6.65 -7.89 30.01
CA ILE A 215 -5.79 -6.73 30.23
C ILE A 215 -5.68 -6.38 31.71
N LYS A 216 -6.76 -6.57 32.46
CA LYS A 216 -6.94 -5.91 33.75
C LYS A 216 -5.75 -5.99 34.71
N PRO A 217 -5.07 -7.12 34.91
CA PRO A 217 -3.94 -7.12 35.86
C PRO A 217 -2.84 -6.13 35.50
N LEU A 218 -2.50 -6.01 34.22
CA LEU A 218 -1.44 -5.08 33.81
C LEU A 218 -1.83 -3.64 34.08
N TYR A 219 -3.06 -3.27 33.72
CA TYR A 219 -3.53 -1.92 33.99
C TYR A 219 -3.62 -1.65 35.49
N GLU A 220 -4.01 -2.66 36.27
CA GLU A 220 -4.06 -2.52 37.72
C GLU A 220 -2.68 -2.23 38.29
N HIS A 221 -1.67 -2.99 37.85
CA HIS A 221 -0.31 -2.75 38.35
C HIS A 221 0.21 -1.38 37.93
N LEU A 222 -0.03 -1.00 36.67
CA LEU A 222 0.41 0.32 36.21
C LEU A 222 -0.28 1.44 36.98
N HIS A 223 -1.58 1.30 37.21
CA HIS A 223 -2.32 2.29 37.99
C HIS A 223 -1.81 2.38 39.41
N ALA A 224 -1.49 1.23 40.02
CA ALA A 224 -0.93 1.25 41.37
C ALA A 224 0.40 1.98 41.41
N TYR A 225 1.29 1.70 40.45
CA TYR A 225 2.57 2.39 40.41
C TYR A 225 2.40 3.89 40.21
N VAL A 226 1.51 4.28 39.28
CA VAL A 226 1.28 5.70 39.01
C VAL A 226 0.70 6.38 40.24
N ARG A 227 -0.25 5.73 40.90
CA ARG A 227 -0.85 6.30 42.12
C ARG A 227 0.18 6.45 43.23
N ALA A 228 1.05 5.46 43.38
CA ALA A 228 2.10 5.56 44.40
C ALA A 228 3.04 6.72 44.11
N LYS A 229 3.44 6.88 42.85
CA LYS A 229 4.34 7.98 42.51
C LYS A 229 3.64 9.33 42.67
N LEU A 230 2.36 9.42 42.34
CA LEU A 230 1.61 10.66 42.52
C LEU A 230 1.46 10.99 44.00
N MET A 231 1.22 9.98 44.83
CA MET A 231 1.16 10.20 46.27
C MET A 231 2.51 10.66 46.81
N ASN A 232 3.60 10.15 46.23
CA ASN A 232 4.92 10.69 46.55
C ASN A 232 5.01 12.15 46.15
N ALA A 233 4.45 12.50 44.99
CA ALA A 233 4.40 13.90 44.57
C ALA A 233 3.36 14.71 45.34
N TYR A 234 2.21 14.11 45.66
CA TYR A 234 1.15 14.78 46.41
C TYR A 234 0.88 13.97 47.67
N PRO A 235 1.56 14.29 48.77
CA PRO A 235 1.40 13.48 49.99
C PRO A 235 -0.01 13.52 50.57
N SER A 236 -0.73 14.63 50.44
CA SER A 236 -2.01 14.80 51.11
C SER A 236 -3.15 15.04 50.12
N TYR A 237 -3.02 14.58 48.88
CA TYR A 237 -4.05 14.78 47.88
C TYR A 237 -4.64 13.49 47.33
N ILE A 238 -3.88 12.40 47.28
CA ILE A 238 -4.34 11.13 46.75
C ILE A 238 -4.14 10.05 47.81
N SER A 239 -5.21 9.32 48.12
CA SER A 239 -5.10 8.21 49.04
C SER A 239 -4.34 7.06 48.40
N PRO A 240 -3.57 6.29 49.18
CA PRO A 240 -2.84 5.16 48.60
C PRO A 240 -3.74 4.09 47.99
N ILE A 241 -5.00 4.00 48.42
CA ILE A 241 -5.91 2.98 47.90
C ILE A 241 -7.03 3.56 47.05
N GLY A 242 -7.24 4.88 47.08
CA GLY A 242 -8.34 5.48 46.34
C GLY A 242 -8.08 5.60 44.85
N CYS A 243 -9.13 5.92 44.12
CA CYS A 243 -9.05 6.09 42.68
C CYS A 243 -8.28 7.38 42.34
N LEU A 244 -7.64 7.37 41.19
CA LEU A 244 -6.89 8.53 40.75
C LEU A 244 -7.85 9.66 40.36
N PRO A 245 -7.54 10.90 40.71
CA PRO A 245 -8.39 12.02 40.30
C PRO A 245 -8.39 12.19 38.79
N ALA A 246 -9.52 12.68 38.27
CA ALA A 246 -9.66 12.85 36.84
C ALA A 246 -8.87 14.04 36.32
N HIS A 247 -8.55 15.00 37.19
CA HIS A 247 -7.84 16.21 36.80
C HIS A 247 -6.33 16.08 36.98
N LEU A 248 -5.83 14.89 37.27
CA LEU A 248 -4.41 14.64 37.44
C LEU A 248 -3.94 13.48 36.58
N LEU A 249 -4.41 13.42 35.34
CA LEU A 249 -4.16 12.30 34.43
C LEU A 249 -3.49 12.75 33.14
N GLY A 250 -2.49 13.63 33.25
CA GLY A 250 -1.75 14.06 32.08
C GLY A 250 -2.47 15.13 31.29
N ASP A 251 -3.50 14.73 30.54
CA ASP A 251 -4.36 15.67 29.85
C ASP A 251 -5.66 15.81 30.63
N MET A 252 -6.62 16.51 30.03
CA MET A 252 -7.89 16.77 30.71
C MET A 252 -8.69 15.48 30.91
N TRP A 253 -9.05 14.81 29.82
CA TRP A 253 -9.94 13.67 29.87
C TRP A 253 -9.27 12.41 30.42
N GLY A 254 -7.95 12.43 30.61
CA GLY A 254 -7.25 11.24 31.04
C GLY A 254 -7.03 10.21 29.95
N ARG A 255 -7.12 10.63 28.68
CA ARG A 255 -6.94 9.69 27.57
C ARG A 255 -5.54 9.10 27.56
N PHE A 256 -4.53 9.94 27.81
CA PHE A 256 -3.15 9.49 27.82
C PHE A 256 -2.46 9.98 29.09
N TRP A 257 -1.66 9.11 29.69
CA TRP A 257 -0.93 9.44 30.91
C TRP A 257 0.54 9.75 30.61
N THR A 258 0.83 10.23 29.39
CA THR A 258 2.20 10.53 29.01
C THR A 258 2.79 11.63 29.88
N ASN A 259 2.02 12.69 30.13
CA ASN A 259 2.54 13.86 30.84
C ASN A 259 2.93 13.56 32.28
N LEU A 260 2.51 12.42 32.82
CA LEU A 260 2.90 12.01 34.16
C LEU A 260 4.27 11.35 34.20
N TYR A 261 4.96 11.22 33.06
CA TYR A 261 6.27 10.57 33.05
C TYR A 261 7.25 11.33 33.93
N SER A 262 7.26 12.66 33.84
CA SER A 262 8.11 13.45 34.73
C SER A 262 7.73 13.24 36.19
N LEU A 263 6.45 12.95 36.45
CA LEU A 263 6.01 12.60 37.79
C LEU A 263 6.19 11.12 38.11
N THR A 264 6.47 10.29 37.12
CA THR A 264 6.63 8.85 37.30
C THR A 264 7.92 8.36 36.67
N VAL A 265 9.01 9.09 36.88
CA VAL A 265 10.29 8.69 36.28
C VAL A 265 10.81 7.44 36.99
N PRO A 266 11.19 6.39 36.26
CA PRO A 266 11.78 5.21 36.90
C PRO A 266 13.16 5.51 37.46
N PHE A 267 14.04 6.07 36.64
CA PHE A 267 15.41 6.40 37.01
C PHE A 267 15.65 7.86 36.65
N GLY A 268 15.60 8.74 37.66
CA GLY A 268 15.76 10.16 37.44
C GLY A 268 17.19 10.64 37.29
N GLN A 269 18.17 9.76 37.40
CA GLN A 269 19.57 10.14 37.28
C GLN A 269 20.14 9.93 35.89
N LYS A 270 19.50 9.11 35.06
CA LYS A 270 19.98 8.82 33.71
C LYS A 270 18.98 9.33 32.67
N PRO A 271 19.42 10.12 31.71
CA PRO A 271 18.49 10.58 30.66
C PRO A 271 18.03 9.43 29.79
N ASN A 272 16.85 9.60 29.19
CA ASN A 272 16.29 8.59 28.32
C ASN A 272 17.01 8.59 26.98
N ILE A 273 16.50 7.78 26.05
CA ILE A 273 17.12 7.62 24.74
C ILE A 273 16.53 8.68 23.81
N ASP A 274 17.36 9.66 23.44
CA ASP A 274 16.97 10.73 22.53
C ASP A 274 18.12 11.01 21.57
N VAL A 275 17.79 11.17 20.30
CA VAL A 275 18.78 11.42 19.25
C VAL A 275 18.76 12.87 18.79
N THR A 276 18.04 13.75 19.50
CA THR A 276 17.96 15.15 19.09
C THR A 276 19.33 15.82 19.07
N ASP A 277 20.15 15.53 20.09
CA ASP A 277 21.52 16.03 20.09
C ASP A 277 22.30 15.48 18.90
N ALA A 278 22.11 14.20 18.59
CA ALA A 278 22.75 13.61 17.41
C ALA A 278 22.18 14.19 16.13
N MET A 279 20.89 14.54 16.14
CA MET A 279 20.29 15.20 14.98
C MET A 279 20.94 16.55 14.73
N VAL A 280 21.18 17.32 15.79
CA VAL A 280 21.79 18.64 15.64
C VAL A 280 23.25 18.53 15.25
N ASP A 281 23.98 17.60 15.88
CA ASP A 281 25.42 17.49 15.63
C ASP A 281 25.72 17.12 14.19
N GLN A 282 24.97 16.18 13.62
CA GLN A 282 25.20 15.75 12.26
C GLN A 282 24.48 16.63 11.25
N ALA A 283 23.68 17.59 11.72
CA ALA A 283 22.98 18.57 10.88
C ALA A 283 22.02 17.86 9.90
N TRP A 284 21.02 17.20 10.48
CA TRP A 284 19.96 16.58 9.71
C TRP A 284 18.83 17.58 9.45
N ASP A 285 18.21 17.44 8.28
CA ASP A 285 17.03 18.20 7.92
C ASP A 285 15.84 17.24 7.80
N ALA A 286 14.67 17.81 7.46
CA ALA A 286 13.47 16.99 7.32
C ALA A 286 13.61 15.98 6.21
N GLN A 287 14.21 16.39 5.08
CA GLN A 287 14.38 15.48 3.95
C GLN A 287 15.24 14.28 4.32
N ARG A 288 16.33 14.51 5.06
CA ARG A 288 17.17 13.40 5.50
C ARG A 288 16.41 12.47 6.42
N ILE A 289 15.61 13.03 7.34
CA ILE A 289 14.81 12.20 8.25
C ILE A 289 13.86 11.31 7.47
N PHE A 290 13.16 11.89 6.49
CA PHE A 290 12.20 11.11 5.72
C PHE A 290 12.89 10.09 4.82
N LYS A 291 14.07 10.43 4.28
CA LYS A 291 14.81 9.46 3.49
C LYS A 291 15.29 8.29 4.32
N GLU A 292 15.74 8.54 5.56
CA GLU A 292 16.13 7.43 6.42
C GLU A 292 14.93 6.62 6.85
N ALA A 293 13.78 7.25 7.05
CA ALA A 293 12.55 6.51 7.30
C ALA A 293 12.22 5.60 6.13
N GLU A 294 12.32 6.12 4.90
CA GLU A 294 12.06 5.31 3.71
C GLU A 294 13.09 4.19 3.57
N LYS A 295 14.33 4.44 3.99
CA LYS A 295 15.34 3.38 4.00
C LYS A 295 14.96 2.28 4.97
N PHE A 296 14.48 2.65 6.16
CA PHE A 296 13.96 1.65 7.10
C PHE A 296 12.81 0.86 6.48
N PHE A 297 11.92 1.55 5.78
CA PHE A 297 10.75 0.89 5.21
C PHE A 297 11.13 -0.06 4.08
N VAL A 298 12.11 0.32 3.26
CA VAL A 298 12.53 -0.55 2.16
C VAL A 298 13.45 -1.66 2.65
N SER A 299 14.06 -1.52 3.84
CA SER A 299 14.87 -2.59 4.38
C SER A 299 14.05 -3.86 4.61
N VAL A 300 12.75 -3.72 4.90
CA VAL A 300 11.90 -4.88 5.11
C VAL A 300 11.20 -5.34 3.84
N GLY A 301 11.56 -4.78 2.69
CA GLY A 301 10.99 -5.19 1.43
C GLY A 301 9.79 -4.40 0.96
N LEU A 302 9.36 -3.39 1.70
CA LEU A 302 8.23 -2.57 1.25
C LEU A 302 8.63 -1.79 -0.01
N PRO A 303 7.70 -1.63 -0.97
CA PRO A 303 8.09 -1.16 -2.31
C PRO A 303 8.54 0.29 -2.35
N ASN A 304 8.99 0.71 -3.53
CA ASN A 304 9.39 2.10 -3.76
C ASN A 304 8.21 3.04 -3.64
N MET A 305 8.43 4.18 -3.00
CA MET A 305 7.46 5.26 -2.96
C MET A 305 7.74 6.25 -4.08
N THR A 306 6.67 6.69 -4.73
CA THR A 306 6.78 7.52 -5.93
C THR A 306 7.52 8.81 -5.64
N GLN A 307 8.31 9.28 -6.63
CA GLN A 307 8.98 10.56 -6.51
C GLN A 307 8.00 11.71 -6.32
N GLY A 308 6.75 11.54 -6.74
CA GLY A 308 5.74 12.55 -6.46
C GLY A 308 5.52 12.77 -4.98
N PHE A 309 5.81 11.76 -4.15
CA PHE A 309 5.76 11.94 -2.70
C PHE A 309 6.74 13.02 -2.25
N TRP A 310 7.96 13.00 -2.80
CA TRP A 310 8.92 14.03 -2.45
C TRP A 310 8.61 15.36 -3.15
N GLU A 311 8.08 15.28 -4.36
CA GLU A 311 7.81 16.50 -5.13
C GLU A 311 6.68 17.33 -4.52
N ASN A 312 5.56 16.68 -4.20
CA ASN A 312 4.35 17.40 -3.81
C ASN A 312 4.25 17.62 -2.31
N SER A 313 4.42 16.56 -1.52
CA SER A 313 4.27 16.66 -0.08
C SER A 313 5.29 17.63 0.50
N MET A 314 4.82 18.57 1.31
CA MET A 314 5.70 19.53 1.96
C MET A 314 6.22 18.93 3.28
N LEU A 315 7.54 18.91 3.41
CA LEU A 315 8.18 18.34 4.59
C LEU A 315 8.55 19.39 5.63
N THR A 316 8.82 20.62 5.22
CA THR A 316 9.15 21.71 6.13
C THR A 316 8.06 22.76 6.09
N ASP A 317 7.94 23.51 7.18
CA ASP A 317 6.96 24.58 7.25
C ASP A 317 7.35 25.69 6.29
N PRO A 318 6.49 26.06 5.33
CA PRO A 318 6.83 27.20 4.46
C PRO A 318 7.02 28.50 5.22
N GLY A 319 6.25 28.70 6.30
CA GLY A 319 6.40 29.89 7.12
C GLY A 319 6.05 31.16 6.36
N ASN A 320 6.67 32.26 6.80
CA ASN A 320 6.47 33.57 6.20
C ASN A 320 5.00 33.95 6.15
N VAL A 321 4.48 34.18 4.95
CA VAL A 321 3.08 34.56 4.78
C VAL A 321 2.18 33.34 4.63
N GLN A 322 2.65 32.32 3.92
CA GLN A 322 1.85 31.11 3.69
C GLN A 322 1.65 30.38 5.01
N LYS A 323 0.40 30.34 5.47
CA LYS A 323 0.04 29.67 6.72
C LYS A 323 -0.53 28.30 6.41
N ALA A 324 -0.02 27.28 7.10
CA ALA A 324 -0.46 25.91 6.90
C ALA A 324 -0.64 25.22 8.25
N VAL A 325 -1.57 24.28 8.29
CA VAL A 325 -1.80 23.50 9.50
C VAL A 325 -0.61 22.57 9.72
N CYS A 326 -0.09 22.54 10.95
CA CYS A 326 1.09 21.77 11.30
C CYS A 326 0.73 20.44 11.96
N HIS A 327 -0.38 19.82 11.57
CA HIS A 327 -0.77 18.53 12.12
C HIS A 327 -0.28 17.44 11.18
N PRO A 328 0.63 16.57 11.61
CA PRO A 328 1.10 15.48 10.73
C PRO A 328 -0.05 14.60 10.26
N THR A 329 -0.25 14.57 8.95
CA THR A 329 -1.27 13.74 8.33
C THR A 329 -0.69 13.01 7.13
N ALA A 330 -1.26 11.85 6.81
CA ALA A 330 -0.90 11.08 5.63
C ALA A 330 -2.07 11.16 4.65
N TRP A 331 -1.84 11.82 3.52
CA TRP A 331 -2.88 12.08 2.54
C TRP A 331 -2.81 11.04 1.43
N ASP A 332 -3.91 10.34 1.21
CA ASP A 332 -4.07 9.43 0.07
C ASP A 332 -5.09 10.09 -0.85
N LEU A 333 -4.59 10.95 -1.75
CA LEU A 333 -5.49 11.70 -2.63
C LEU A 333 -6.16 10.83 -3.66
N GLY A 334 -5.76 9.57 -3.79
CA GLY A 334 -6.28 8.69 -4.81
C GLY A 334 -5.54 8.86 -6.13
N LYS A 335 -5.76 7.90 -7.02
CA LYS A 335 -5.12 7.87 -8.33
C LYS A 335 -3.60 7.95 -8.21
N GLY A 336 -3.06 7.26 -7.21
CA GLY A 336 -1.63 7.13 -7.05
C GLY A 336 -0.92 8.26 -6.34
N ASP A 337 -1.66 9.19 -5.73
CA ASP A 337 -1.06 10.36 -5.08
C ASP A 337 -1.02 10.13 -3.57
N PHE A 338 0.18 10.03 -3.02
CA PHE A 338 0.40 9.87 -1.59
C PHE A 338 1.31 10.98 -1.10
N ARG A 339 0.89 11.68 -0.04
CA ARG A 339 1.63 12.81 0.49
C ARG A 339 1.66 12.76 2.00
N ILE A 340 2.57 13.52 2.59
CA ILE A 340 2.66 13.67 4.04
C ILE A 340 2.71 15.16 4.37
N LEU A 341 1.86 15.60 5.29
CA LEU A 341 1.72 17.00 5.66
C LEU A 341 2.12 17.16 7.13
N MET A 342 3.31 17.72 7.35
CA MET A 342 3.74 18.03 8.71
C MET A 342 4.88 19.04 8.66
N CYS A 343 4.88 19.95 9.64
CA CYS A 343 5.96 20.93 9.79
C CYS A 343 7.07 20.29 10.61
N THR A 344 7.92 19.55 9.92
CA THR A 344 8.98 18.79 10.59
C THR A 344 10.04 19.71 11.17
N LYS A 345 10.46 19.41 12.39
CA LYS A 345 11.55 20.09 13.06
C LYS A 345 12.69 19.11 13.30
N VAL A 346 13.73 19.59 13.99
CA VAL A 346 14.87 18.75 14.34
C VAL A 346 14.54 18.13 15.71
N THR A 347 13.81 17.02 15.68
CA THR A 347 13.36 16.37 16.90
C THR A 347 13.19 14.87 16.65
N MET A 348 13.53 14.06 17.65
CA MET A 348 13.30 12.63 17.55
C MET A 348 11.81 12.30 17.56
N ASP A 349 11.00 13.08 18.27
CA ASP A 349 9.56 12.89 18.23
C ASP A 349 9.03 13.09 16.82
N ASP A 350 9.53 14.10 16.12
CA ASP A 350 9.17 14.29 14.71
C ASP A 350 9.67 13.14 13.85
N PHE A 351 10.81 12.54 14.22
CA PHE A 351 11.32 11.38 13.51
C PHE A 351 10.36 10.21 13.62
N LEU A 352 9.89 9.92 14.84
CA LEU A 352 8.94 8.84 15.03
C LEU A 352 7.60 9.14 14.37
N THR A 353 7.16 10.40 14.42
CA THR A 353 5.92 10.77 13.75
C THR A 353 6.03 10.62 12.24
N ALA A 354 7.19 10.99 11.68
CA ALA A 354 7.43 10.79 10.26
C ALA A 354 7.38 9.31 9.91
N HIS A 355 7.97 8.46 10.76
CA HIS A 355 7.87 7.02 10.54
C HIS A 355 6.43 6.54 10.57
N HIS A 356 5.63 7.04 11.52
CA HIS A 356 4.23 6.63 11.61
C HIS A 356 3.45 7.05 10.37
N GLU A 357 3.65 8.29 9.92
CA GLU A 357 2.95 8.76 8.72
C GLU A 357 3.43 8.00 7.47
N MET A 358 4.71 7.66 7.42
CA MET A 358 5.24 6.93 6.27
C MET A 358 4.67 5.51 6.25
N GLY A 359 4.47 4.92 7.42
CA GLY A 359 3.78 3.64 7.48
C GLY A 359 2.32 3.73 7.06
N HIS A 360 1.66 4.83 7.44
CA HIS A 360 0.32 5.10 6.92
C HIS A 360 0.34 5.16 5.39
N ILE A 361 1.35 5.81 4.83
CA ILE A 361 1.47 5.89 3.37
C ILE A 361 1.68 4.51 2.76
N GLN A 362 2.51 3.68 3.41
CA GLN A 362 2.68 2.31 2.94
C GLN A 362 1.35 1.55 2.96
N TYR A 363 0.59 1.69 4.04
CA TYR A 363 -0.70 0.99 4.13
C TYR A 363 -1.64 1.46 3.03
N ASP A 364 -1.67 2.77 2.75
CA ASP A 364 -2.50 3.29 1.67
C ASP A 364 -2.05 2.73 0.32
N MET A 365 -0.74 2.68 0.08
CA MET A 365 -0.22 2.17 -1.18
C MET A 365 -0.51 0.70 -1.36
N ALA A 366 -0.58 -0.06 -0.26
CA ALA A 366 -0.74 -1.50 -0.36
C ALA A 366 -2.03 -1.90 -1.07
N TYR A 367 -3.14 -1.24 -0.72
CA TYR A 367 -4.45 -1.58 -1.28
C TYR A 367 -4.86 -0.65 -2.41
N ALA A 368 -3.90 -0.04 -3.10
CA ALA A 368 -4.22 0.89 -4.18
C ALA A 368 -4.86 0.18 -5.37
N ALA A 369 -4.71 -1.13 -5.48
CA ALA A 369 -5.33 -1.89 -6.56
C ALA A 369 -6.74 -2.37 -6.23
N GLN A 370 -7.20 -2.14 -5.01
CA GLN A 370 -8.54 -2.55 -4.61
C GLN A 370 -9.58 -1.63 -5.24
N PRO A 371 -10.84 -2.07 -5.29
CA PRO A 371 -11.91 -1.15 -5.71
C PRO A 371 -12.02 0.03 -4.76
N PHE A 372 -12.58 1.13 -5.28
CA PHE A 372 -12.59 2.39 -4.55
C PHE A 372 -13.28 2.25 -3.20
N LEU A 373 -14.39 1.52 -3.13
CA LEU A 373 -15.09 1.35 -1.86
C LEU A 373 -14.28 0.51 -0.88
N LEU A 374 -13.42 -0.38 -1.38
CA LEU A 374 -12.62 -1.25 -0.54
C LEU A 374 -11.24 -0.70 -0.24
N ARG A 375 -10.91 0.50 -0.71
CA ARG A 375 -9.59 1.10 -0.49
C ARG A 375 -9.55 1.73 0.90
N ASN A 376 -9.51 0.86 1.90
CA ASN A 376 -9.42 1.27 3.30
C ASN A 376 -9.00 0.06 4.12
N GLY A 377 -8.68 0.31 5.39
CA GLY A 377 -8.35 -0.78 6.29
C GLY A 377 -9.52 -1.72 6.47
N ALA A 378 -9.21 -3.00 6.69
CA ALA A 378 -10.25 -4.02 6.80
C ALA A 378 -11.24 -3.71 7.92
N ASN A 379 -10.83 -2.94 8.93
CA ASN A 379 -11.75 -2.42 9.93
C ASN A 379 -11.24 -1.05 10.35
N GLU A 380 -11.79 -0.53 11.44
CA GLU A 380 -11.50 0.82 11.89
C GLU A 380 -10.15 0.96 12.58
N GLY A 381 -9.44 -0.13 12.85
CA GLY A 381 -8.22 -0.04 13.64
C GLY A 381 -6.94 -0.51 12.96
N PHE A 382 -7.03 -1.10 11.78
CA PHE A 382 -5.84 -1.64 11.12
C PHE A 382 -4.90 -0.54 10.67
N HIS A 383 -5.43 0.56 10.13
CA HIS A 383 -4.59 1.57 9.51
C HIS A 383 -3.63 2.20 10.51
N GLU A 384 -4.18 2.68 11.64
CA GLU A 384 -3.34 3.36 12.62
C GLU A 384 -2.43 2.39 13.35
N ALA A 385 -2.86 1.14 13.53
CA ALA A 385 -1.98 0.14 14.12
C ALA A 385 -0.78 -0.14 13.22
N VAL A 386 -1.02 -0.29 11.91
CA VAL A 386 0.09 -0.48 10.98
C VAL A 386 0.99 0.75 10.96
N GLY A 387 0.42 1.94 11.07
CA GLY A 387 1.23 3.13 11.18
C GLY A 387 2.09 3.14 12.44
N GLU A 388 1.53 2.66 13.55
CA GLU A 388 2.22 2.73 14.83
C GLU A 388 3.29 1.67 14.99
N ILE A 389 3.14 0.50 14.36
CA ILE A 389 4.18 -0.53 14.50
C ILE A 389 5.50 -0.04 13.91
N MET A 390 5.45 0.83 12.91
CA MET A 390 6.68 1.34 12.31
C MET A 390 7.40 2.29 13.26
N SER A 391 6.64 3.17 13.93
CA SER A 391 7.25 4.01 14.96
C SER A 391 7.76 3.16 16.13
N LEU A 392 7.09 2.04 16.42
CA LEU A 392 7.58 1.13 17.44
C LEU A 392 8.95 0.57 17.05
N SER A 393 9.07 0.06 15.83
CA SER A 393 10.34 -0.52 15.36
C SER A 393 11.43 0.54 15.30
N ALA A 394 11.11 1.74 14.79
CA ALA A 394 12.12 2.76 14.59
C ALA A 394 12.72 3.24 15.90
N ALA A 395 11.90 3.39 16.94
CA ALA A 395 12.36 3.94 18.20
C ALA A 395 13.34 3.03 18.95
N THR A 396 13.48 1.78 18.53
CA THR A 396 14.39 0.87 19.21
C THR A 396 15.84 1.32 19.03
N PRO A 397 16.68 1.14 20.05
CA PRO A 397 18.10 1.57 19.92
C PRO A 397 18.85 0.85 18.81
N LYS A 398 18.40 -0.35 18.42
CA LYS A 398 19.08 -1.09 17.37
C LYS A 398 19.07 -0.31 16.05
N HIS A 399 17.91 0.27 15.70
CA HIS A 399 17.85 1.08 14.49
C HIS A 399 18.62 2.38 14.63
N LEU A 400 18.63 2.96 15.83
CA LEU A 400 19.38 4.19 16.04
C LEU A 400 20.87 3.97 15.84
N LYS A 401 21.39 2.83 16.32
CA LYS A 401 22.80 2.51 16.06
C LYS A 401 23.01 2.04 14.62
N SER A 402 22.00 1.47 14.00
CA SER A 402 22.14 0.94 12.65
C SER A 402 22.43 2.04 11.63
N ILE A 403 21.73 3.17 11.74
CA ILE A 403 21.87 4.26 10.78
C ILE A 403 22.77 5.38 11.31
N GLY A 404 23.55 5.10 12.35
CA GLY A 404 24.50 6.08 12.88
C GLY A 404 23.90 7.15 13.74
N LEU A 405 22.60 7.09 14.07
CA LEU A 405 21.99 8.10 14.92
C LEU A 405 22.36 7.94 16.38
N LEU A 406 22.89 6.79 16.77
CA LEU A 406 23.31 6.53 18.15
C LEU A 406 24.76 6.09 18.16
N SER A 407 25.51 6.60 19.14
CA SER A 407 26.91 6.24 19.26
C SER A 407 27.05 4.78 19.67
N PRO A 408 27.98 4.04 19.06
CA PRO A 408 28.17 2.64 19.46
C PRO A 408 28.62 2.46 20.90
N ASP A 409 29.20 3.49 21.52
CA ASP A 409 29.61 3.40 22.92
C ASP A 409 28.43 3.27 23.86
N PHE A 410 27.25 3.73 23.46
CA PHE A 410 26.06 3.56 24.28
C PHE A 410 25.65 2.10 24.30
N GLN A 411 25.43 1.57 25.50
CA GLN A 411 25.09 0.16 25.69
C GLN A 411 23.67 0.04 26.21
N GLU A 412 22.88 -0.81 25.57
CA GLU A 412 21.51 -1.05 26.02
C GLU A 412 21.52 -1.81 27.34
N ASP A 413 20.72 -1.34 28.29
CA ASP A 413 20.60 -1.96 29.60
C ASP A 413 19.13 -2.05 29.99
N ASN A 414 18.86 -2.73 31.10
CA ASN A 414 17.49 -2.86 31.56
C ASN A 414 16.90 -1.53 32.04
N GLU A 415 17.74 -0.56 32.38
CA GLU A 415 17.23 0.74 32.78
C GLU A 415 16.58 1.47 31.61
N THR A 416 17.25 1.49 30.45
CA THR A 416 16.64 2.06 29.25
C THR A 416 15.41 1.28 28.84
N GLU A 417 15.45 -0.05 28.99
CA GLU A 417 14.28 -0.88 28.71
C GLU A 417 13.09 -0.45 29.56
N ILE A 418 13.31 -0.31 30.86
CA ILE A 418 12.22 0.07 31.76
C ILE A 418 11.71 1.47 31.44
N ASN A 419 12.62 2.40 31.17
CA ASN A 419 12.22 3.76 30.84
C ASN A 419 11.33 3.79 29.59
N PHE A 420 11.80 3.14 28.51
CA PHE A 420 11.04 3.14 27.27
C PHE A 420 9.71 2.42 27.44
N LEU A 421 9.70 1.29 28.15
CA LEU A 421 8.47 0.53 28.31
C LEU A 421 7.45 1.28 29.14
N LEU A 422 7.88 1.97 30.20
CA LEU A 422 6.94 2.75 31.00
C LEU A 422 6.44 3.96 30.21
N LYS A 423 7.32 4.60 29.44
CA LYS A 423 6.88 5.71 28.60
C LYS A 423 5.84 5.25 27.59
N GLN A 424 5.98 4.04 27.07
CA GLN A 424 4.97 3.51 26.16
C GLN A 424 3.68 3.18 26.92
N ALA A 425 3.80 2.48 28.05
CA ALA A 425 2.61 2.07 28.80
C ALA A 425 1.81 3.27 29.29
N LEU A 426 2.45 4.42 29.43
CA LEU A 426 1.71 5.64 29.74
C LEU A 426 0.82 6.07 28.58
N THR A 427 1.04 5.53 27.38
CA THR A 427 0.22 5.82 26.21
C THR A 427 -0.69 4.67 25.84
N ILE A 428 -0.13 3.47 25.65
CA ILE A 428 -0.94 2.31 25.26
C ILE A 428 -1.87 1.88 26.38
N VAL A 429 -1.32 1.53 27.54
CA VAL A 429 -2.13 0.91 28.59
C VAL A 429 -3.15 1.89 29.14
N GLY A 430 -2.79 3.19 29.21
CA GLY A 430 -3.70 4.15 29.82
C GLY A 430 -4.98 4.37 29.04
N THR A 431 -4.89 4.39 27.71
CA THR A 431 -6.04 4.76 26.89
C THR A 431 -7.05 3.63 26.72
N LEU A 432 -6.65 2.39 26.94
CA LEU A 432 -7.56 1.26 26.68
C LEU A 432 -8.78 1.26 27.60
N PRO A 433 -8.64 1.37 28.94
CA PRO A 433 -9.86 1.42 29.77
C PRO A 433 -10.75 2.59 29.46
N PHE A 434 -10.17 3.76 29.15
CA PHE A 434 -10.97 4.94 28.84
C PHE A 434 -11.78 4.71 27.55
N THR A 435 -11.12 4.19 26.52
CA THR A 435 -11.82 3.88 25.28
C THR A 435 -12.93 2.86 25.52
N TYR A 436 -12.62 1.81 26.29
CA TYR A 436 -13.62 0.79 26.59
C TYR A 436 -14.84 1.38 27.27
N MET A 437 -14.63 2.16 28.35
CA MET A 437 -15.77 2.67 29.09
C MET A 437 -16.58 3.64 28.25
N LEU A 438 -15.91 4.51 27.50
CA LEU A 438 -16.65 5.49 26.69
C LEU A 438 -17.49 4.79 25.64
N GLU A 439 -16.90 3.82 24.92
CA GLU A 439 -17.65 3.13 23.88
C GLU A 439 -18.78 2.30 24.46
N LYS A 440 -18.53 1.62 25.59
CA LYS A 440 -19.58 0.82 26.22
C LYS A 440 -20.73 1.69 26.70
N TRP A 441 -20.41 2.84 27.30
CA TRP A 441 -21.45 3.77 27.74
C TRP A 441 -22.27 4.26 26.56
N ARG A 442 -21.61 4.66 25.47
CA ARG A 442 -22.37 5.13 24.31
C ARG A 442 -23.21 4.02 23.71
N TRP A 443 -22.68 2.79 23.66
CA TRP A 443 -23.42 1.67 23.12
C TRP A 443 -24.70 1.41 23.92
N MET A 444 -24.59 1.39 25.25
CA MET A 444 -25.78 1.08 26.05
C MET A 444 -26.73 2.28 26.12
N VAL A 445 -26.23 3.51 26.00
CA VAL A 445 -27.12 4.65 25.89
C VAL A 445 -27.93 4.57 24.59
N PHE A 446 -27.28 4.21 23.49
CA PHE A 446 -28.00 4.02 22.24
C PHE A 446 -29.00 2.86 22.35
N LYS A 447 -28.59 1.78 23.03
CA LYS A 447 -29.52 0.68 23.30
C LYS A 447 -30.65 1.09 24.23
N GLY A 448 -30.49 2.19 24.97
CA GLY A 448 -31.48 2.60 25.94
C GLY A 448 -31.34 1.95 27.29
N GLU A 449 -30.24 1.22 27.53
CA GLU A 449 -30.06 0.55 28.82
C GLU A 449 -29.83 1.53 29.96
N ILE A 450 -29.44 2.76 29.67
CA ILE A 450 -29.29 3.80 30.68
C ILE A 450 -30.44 4.80 30.52
N PRO A 451 -31.35 4.91 31.49
CA PRO A 451 -32.29 6.02 31.47
C PRO A 451 -31.55 7.35 31.59
N LYS A 452 -32.16 8.39 31.02
CA LYS A 452 -31.48 9.69 30.94
C LYS A 452 -31.10 10.21 32.33
N ASP A 453 -32.02 10.09 33.29
CA ASP A 453 -31.83 10.63 34.63
C ASP A 453 -30.68 9.95 35.37
N GLN A 454 -30.04 8.96 34.74
CA GLN A 454 -28.89 8.27 35.32
C GLN A 454 -27.69 8.26 34.39
N TRP A 455 -27.59 9.21 33.47
CA TRP A 455 -26.45 9.24 32.55
C TRP A 455 -25.15 9.45 33.30
N MET A 456 -24.96 10.65 33.87
CA MET A 456 -23.71 10.96 34.57
C MET A 456 -23.48 10.02 35.74
N LYS A 457 -24.54 9.71 36.48
CA LYS A 457 -24.43 8.78 37.60
C LYS A 457 -23.79 7.47 37.15
N LYS A 458 -24.15 6.99 35.96
CA LYS A 458 -23.52 5.78 35.45
C LYS A 458 -22.19 6.08 34.78
N TRP A 459 -22.06 7.27 34.16
CA TRP A 459 -20.82 7.62 33.49
C TRP A 459 -19.65 7.63 34.45
N TRP A 460 -19.85 8.17 35.66
CA TRP A 460 -18.81 8.13 36.67
C TRP A 460 -18.75 6.80 37.42
N GLU A 461 -19.75 5.94 37.25
CA GLU A 461 -19.65 4.60 37.81
C GLU A 461 -18.53 3.82 37.16
N MET A 462 -18.52 3.78 35.82
CA MET A 462 -17.49 3.05 35.10
C MET A 462 -16.11 3.65 35.37
N LYS A 463 -16.03 4.97 35.48
CA LYS A 463 -14.77 5.61 35.84
C LYS A 463 -14.24 5.06 37.17
N ARG A 464 -15.14 4.75 38.10
CA ARG A 464 -14.74 4.17 39.38
C ARG A 464 -14.58 2.65 39.31
N GLU A 465 -15.07 2.02 38.25
CA GLU A 465 -15.02 0.57 38.10
C GLU A 465 -14.09 0.11 36.99
N ILE A 466 -14.08 0.78 35.84
CA ILE A 466 -13.28 0.36 34.70
C ILE A 466 -11.92 1.04 34.71
N VAL A 467 -11.90 2.36 34.72
CA VAL A 467 -10.63 3.10 34.67
C VAL A 467 -10.04 3.33 36.05
N GLY A 468 -10.83 3.15 37.11
CA GLY A 468 -10.35 3.44 38.46
C GLY A 468 -10.06 4.91 38.69
N VAL A 469 -10.96 5.79 38.23
CA VAL A 469 -10.78 7.22 38.32
C VAL A 469 -12.03 7.83 38.95
N VAL A 470 -11.84 8.62 40.00
CA VAL A 470 -12.93 9.27 40.70
C VAL A 470 -12.95 10.75 40.32
N GLU A 471 -14.14 11.26 40.03
CA GLU A 471 -14.28 12.68 39.70
C GLU A 471 -13.93 13.54 40.91
N PRO A 472 -13.32 14.70 40.71
CA PRO A 472 -12.96 15.55 41.85
C PRO A 472 -14.13 16.29 42.47
N VAL A 473 -15.17 16.60 41.69
CA VAL A 473 -16.38 17.22 42.20
C VAL A 473 -17.57 16.44 41.65
N PRO A 474 -18.53 16.04 42.48
CA PRO A 474 -19.67 15.26 41.96
C PRO A 474 -20.49 16.07 40.97
N HIS A 475 -21.04 15.36 39.98
CA HIS A 475 -21.80 15.98 38.90
C HIS A 475 -23.22 15.45 38.89
N ASP A 476 -24.18 16.35 38.71
CA ASP A 476 -25.58 15.99 38.63
C ASP A 476 -25.93 15.67 37.17
N GLU A 477 -27.23 15.53 36.88
CA GLU A 477 -27.65 15.22 35.52
C GLU A 477 -27.55 16.41 34.58
N THR A 478 -27.36 17.62 35.11
CA THR A 478 -27.19 18.79 34.25
C THR A 478 -25.90 18.72 33.45
N TYR A 479 -24.84 18.18 34.06
CA TYR A 479 -23.58 18.01 33.34
C TYR A 479 -23.72 16.97 32.23
N CYS A 480 -22.86 17.11 31.21
CA CYS A 480 -22.70 16.07 30.18
C CYS A 480 -21.20 15.89 30.00
N ASP A 481 -20.61 15.02 30.82
CA ASP A 481 -19.16 14.80 30.77
C ASP A 481 -18.65 14.22 29.45
N PRO A 482 -19.22 13.15 28.88
CA PRO A 482 -18.63 12.61 27.66
C PRO A 482 -18.68 13.57 26.48
N ALA A 483 -19.71 14.40 26.38
CA ALA A 483 -19.80 15.37 25.29
C ALA A 483 -18.64 16.37 25.31
N SER A 484 -17.98 16.55 26.45
CA SER A 484 -16.82 17.43 26.52
C SER A 484 -15.68 16.94 25.65
N LEU A 485 -15.63 15.63 25.35
CA LEU A 485 -14.60 15.11 24.48
C LEU A 485 -14.89 15.46 23.02
N PHE A 486 -13.83 15.52 22.22
CA PHE A 486 -13.98 15.85 20.81
C PHE A 486 -14.79 14.79 20.07
N HIS A 487 -14.53 13.51 20.35
CA HIS A 487 -15.14 12.44 19.57
C HIS A 487 -16.63 12.32 19.85
N VAL A 488 -17.04 12.38 21.12
CA VAL A 488 -18.44 12.22 21.46
C VAL A 488 -19.26 13.38 20.93
N SER A 489 -18.76 14.61 21.07
CA SER A 489 -19.49 15.77 20.58
C SER A 489 -19.60 15.76 19.07
N ASN A 490 -18.50 15.45 18.37
CA ASN A 490 -18.45 15.48 16.91
C ASN A 490 -18.99 14.18 16.33
N ASP A 491 -19.30 13.20 17.18
CA ASP A 491 -19.83 11.89 16.78
C ASP A 491 -18.86 11.14 15.87
N TYR A 492 -17.71 10.80 16.44
CA TYR A 492 -16.79 9.82 15.87
C TYR A 492 -16.77 8.60 16.77
N SER A 493 -16.87 7.42 16.17
CA SER A 493 -16.79 6.18 16.94
C SER A 493 -15.43 6.07 17.59
N PHE A 494 -15.41 5.73 18.88
CA PHE A 494 -14.19 5.74 19.66
C PHE A 494 -13.57 4.36 19.85
N ILE A 495 -14.30 3.28 19.52
CA ILE A 495 -13.74 1.94 19.69
C ILE A 495 -12.58 1.69 18.73
N ARG A 496 -12.47 2.48 17.67
CA ARG A 496 -11.40 2.29 16.70
C ARG A 496 -10.02 2.46 17.32
N TYR A 497 -9.91 3.21 18.42
CA TYR A 497 -8.63 3.37 19.10
C TYR A 497 -8.35 2.25 20.09
N TYR A 498 -9.33 1.41 20.41
CA TYR A 498 -9.08 0.26 21.27
C TYR A 498 -8.51 -0.91 20.47
N THR A 499 -9.30 -1.41 19.51
CA THR A 499 -8.88 -2.58 18.74
C THR A 499 -7.57 -2.31 18.01
N ARG A 500 -7.42 -1.10 17.47
CA ARG A 500 -6.16 -0.71 16.84
C ARG A 500 -4.97 -1.02 17.75
N THR A 501 -5.07 -0.60 19.01
CA THR A 501 -4.01 -0.91 19.97
C THR A 501 -3.80 -2.40 20.07
N LEU A 502 -4.88 -3.16 20.26
CA LEU A 502 -4.76 -4.60 20.37
C LEU A 502 -4.28 -5.24 19.08
N TYR A 503 -4.30 -4.50 17.97
CA TYR A 503 -3.69 -4.98 16.74
C TYR A 503 -2.22 -4.61 16.64
N GLN A 504 -1.83 -3.42 17.14
CA GLN A 504 -0.48 -2.93 16.90
C GLN A 504 0.58 -3.79 17.58
N PHE A 505 0.20 -4.56 18.59
CA PHE A 505 1.11 -5.53 19.17
C PHE A 505 0.88 -6.95 18.66
N GLN A 506 -0.32 -7.26 18.14
CA GLN A 506 -0.52 -8.53 17.48
C GLN A 506 0.32 -8.63 16.21
N PHE A 507 0.38 -7.55 15.44
CA PHE A 507 1.22 -7.54 14.25
C PHE A 507 2.70 -7.60 14.63
N GLN A 508 3.12 -6.73 15.54
CA GLN A 508 4.55 -6.63 15.88
C GLN A 508 5.08 -7.96 16.37
N GLU A 509 4.42 -8.57 17.37
CA GLU A 509 4.87 -9.85 17.88
C GLU A 509 4.86 -10.92 16.79
N ALA A 510 3.94 -10.79 15.82
CA ALA A 510 3.99 -11.68 14.67
C ALA A 510 5.20 -11.39 13.79
N LEU A 511 5.43 -10.10 13.50
CA LEU A 511 6.53 -9.73 12.62
C LEU A 511 7.88 -10.11 13.24
N CYS A 512 8.01 -9.90 14.55
CA CYS A 512 9.23 -10.32 15.24
C CYS A 512 9.42 -11.82 15.18
N GLN A 513 8.33 -12.59 15.09
CA GLN A 513 8.48 -14.03 14.89
C GLN A 513 9.02 -14.34 13.51
N ALA A 514 8.72 -13.51 12.52
CA ALA A 514 9.28 -13.65 11.19
C ALA A 514 10.67 -13.03 11.06
N ALA A 515 11.08 -12.21 12.02
CA ALA A 515 12.39 -11.57 12.00
C ALA A 515 13.43 -12.32 12.81
N LYS A 516 13.06 -13.45 13.41
CA LYS A 516 13.98 -14.25 14.23
C LYS A 516 14.61 -13.42 15.35
N HIS A 517 13.82 -12.52 15.93
CA HIS A 517 14.32 -11.67 17.00
C HIS A 517 14.55 -12.49 18.26
N GLU A 518 15.68 -12.22 18.93
CA GLU A 518 16.04 -12.88 20.17
C GLU A 518 16.01 -11.86 21.31
N GLY A 519 15.27 -12.17 22.36
CA GLY A 519 15.19 -11.32 23.52
C GLY A 519 13.80 -10.75 23.76
N PRO A 520 13.72 -9.66 24.50
CA PRO A 520 12.42 -9.05 24.78
C PRO A 520 11.77 -8.48 23.53
N LEU A 521 10.44 -8.43 23.55
CA LEU A 521 9.70 -7.92 22.41
C LEU A 521 9.87 -6.40 22.26
N HIS A 522 10.15 -5.70 23.36
CA HIS A 522 10.38 -4.26 23.27
C HIS A 522 11.62 -3.92 22.46
N LYS A 523 12.63 -4.79 22.53
CA LYS A 523 13.89 -4.57 21.81
C LYS A 523 13.83 -5.05 20.36
N CYS A 524 12.72 -5.67 19.97
CA CYS A 524 12.60 -6.18 18.61
C CYS A 524 12.57 -5.05 17.59
N ASP A 525 13.27 -5.26 16.48
CA ASP A 525 13.32 -4.30 15.39
C ASP A 525 13.25 -5.07 14.09
N ILE A 526 12.21 -4.81 13.28
CA ILE A 526 11.96 -5.59 12.07
C ILE A 526 12.89 -5.25 10.92
N SER A 527 13.84 -4.33 11.12
CA SER A 527 14.72 -3.93 10.02
C SER A 527 15.57 -5.10 9.55
N ASN A 528 15.90 -5.07 8.26
CA ASN A 528 16.70 -6.13 7.61
C ASN A 528 16.04 -7.49 7.76
N SER A 529 14.72 -7.52 7.66
CA SER A 529 13.93 -8.76 7.75
C SER A 529 12.82 -8.69 6.70
N THR A 530 13.10 -9.25 5.52
CA THR A 530 12.12 -9.24 4.44
C THR A 530 10.95 -10.18 4.73
N GLU A 531 11.16 -11.17 5.60
CA GLU A 531 10.07 -12.09 5.94
C GLU A 531 8.95 -11.37 6.66
N ALA A 532 9.31 -10.55 7.66
CA ALA A 532 8.30 -9.78 8.38
C ALA A 532 7.62 -8.78 7.45
N GLY A 533 8.39 -8.15 6.55
CA GLY A 533 7.80 -7.23 5.60
C GLY A 533 6.79 -7.89 4.70
N GLN A 534 7.11 -9.08 4.17
CA GLN A 534 6.17 -9.80 3.32
C GLN A 534 4.94 -10.25 4.12
N LYS A 535 5.14 -10.72 5.35
CA LYS A 535 4.02 -11.13 6.19
C LYS A 535 3.07 -9.97 6.45
N LEU A 536 3.62 -8.80 6.75
CA LEU A 536 2.80 -7.62 6.97
C LEU A 536 2.09 -7.21 5.68
N PHE A 537 2.83 -7.16 4.56
CA PHE A 537 2.26 -6.72 3.30
C PHE A 537 1.13 -7.63 2.83
N ASN A 538 1.18 -8.91 3.21
CA ASN A 538 0.10 -9.82 2.85
C ASN A 538 -1.25 -9.33 3.38
N MET A 539 -1.27 -8.85 4.63
CA MET A 539 -2.49 -8.26 5.18
C MET A 539 -2.72 -6.84 4.67
N LEU A 540 -1.64 -6.09 4.47
CA LEU A 540 -1.80 -4.69 4.04
C LEU A 540 -2.48 -4.60 2.68
N ARG A 541 -2.11 -5.48 1.74
CA ARG A 541 -2.66 -5.40 0.39
C ARG A 541 -4.13 -5.80 0.33
N LEU A 542 -4.65 -6.46 1.37
CA LEU A 542 -6.03 -6.95 1.33
C LEU A 542 -7.02 -5.80 1.28
N GLY A 543 -6.82 -4.77 2.09
CA GLY A 543 -7.78 -3.68 2.15
C GLY A 543 -9.07 -4.14 2.81
N LYS A 544 -10.20 -3.66 2.28
CA LYS A 544 -11.51 -4.04 2.77
C LYS A 544 -12.14 -5.17 1.97
N SER A 545 -11.40 -5.75 1.01
CA SER A 545 -11.96 -6.83 0.21
C SER A 545 -12.28 -8.06 1.05
N GLU A 546 -11.38 -8.42 1.96
CA GLU A 546 -11.58 -9.58 2.81
C GLU A 546 -12.05 -9.16 4.20
N PRO A 547 -12.74 -10.05 4.92
CA PRO A 547 -13.15 -9.73 6.28
C PRO A 547 -11.94 -9.45 7.17
N TRP A 548 -12.14 -8.53 8.12
CA TRP A 548 -11.03 -8.13 9.00
C TRP A 548 -10.51 -9.31 9.82
N THR A 549 -11.36 -10.30 10.10
CA THR A 549 -10.89 -11.49 10.78
C THR A 549 -9.86 -12.25 9.94
N LEU A 550 -10.16 -12.44 8.65
CA LEU A 550 -9.22 -13.10 7.76
C LEU A 550 -7.94 -12.30 7.60
N ALA A 551 -8.07 -10.97 7.50
CA ALA A 551 -6.89 -10.11 7.39
C ALA A 551 -6.01 -10.23 8.62
N LEU A 552 -6.62 -10.24 9.81
CA LEU A 552 -5.86 -10.40 11.04
C LEU A 552 -5.17 -11.77 11.08
N GLU A 553 -5.90 -12.82 10.71
CA GLU A 553 -5.33 -14.17 10.71
C GLU A 553 -4.20 -14.30 9.69
N ASN A 554 -4.22 -13.48 8.63
CA ASN A 554 -3.16 -13.53 7.64
C ASN A 554 -1.80 -13.13 8.20
N VAL A 555 -1.76 -12.50 9.38
CA VAL A 555 -0.52 -12.09 10.01
C VAL A 555 -0.31 -12.79 11.34
N VAL A 556 -1.33 -12.79 12.21
CA VAL A 556 -1.14 -13.28 13.58
C VAL A 556 -1.48 -14.76 13.72
N GLY A 557 -2.14 -15.37 12.74
CA GLY A 557 -2.55 -16.75 12.84
C GLY A 557 -3.79 -17.00 13.66
N ALA A 558 -4.42 -15.94 14.19
CA ALA A 558 -5.64 -16.05 14.97
C ALA A 558 -6.74 -15.26 14.28
N LYS A 559 -7.94 -15.84 14.24
CA LYS A 559 -9.07 -15.23 13.54
C LYS A 559 -9.80 -14.18 14.37
N ASN A 560 -9.36 -13.93 15.60
CA ASN A 560 -10.03 -12.98 16.48
C ASN A 560 -8.99 -12.07 17.13
N MET A 561 -9.46 -10.90 17.57
CA MET A 561 -8.58 -9.94 18.23
C MET A 561 -8.04 -10.53 19.53
N ASN A 562 -6.73 -10.41 19.72
CA ASN A 562 -6.04 -10.98 20.88
C ASN A 562 -5.19 -9.91 21.54
N VAL A 563 -4.97 -10.07 22.84
CA VAL A 563 -4.19 -9.12 23.63
C VAL A 563 -2.96 -9.77 24.25
N ARG A 564 -2.80 -11.07 24.12
CA ARG A 564 -1.58 -11.73 24.62
C ARG A 564 -0.30 -11.12 24.10
N PRO A 565 -0.16 -10.78 22.81
CA PRO A 565 1.05 -10.05 22.38
C PRO A 565 1.23 -8.72 23.07
N LEU A 566 0.13 -8.03 23.42
CA LEU A 566 0.25 -6.77 24.14
C LEU A 566 0.89 -6.97 25.51
N LEU A 567 0.47 -8.02 26.24
CA LEU A 567 1.07 -8.31 27.52
C LEU A 567 2.50 -8.81 27.37
N ASN A 568 2.78 -9.55 26.30
CA ASN A 568 4.15 -10.01 26.05
C ASN A 568 5.09 -8.83 25.78
N TYR A 569 4.59 -7.81 25.07
CA TYR A 569 5.42 -6.64 24.77
C TYR A 569 5.85 -5.94 26.06
N PHE A 570 4.97 -5.89 27.05
CA PHE A 570 5.25 -5.24 28.32
C PHE A 570 5.61 -6.23 29.42
N GLU A 571 5.96 -7.47 29.04
CA GLU A 571 6.25 -8.50 30.05
C GLU A 571 7.40 -8.13 30.97
N PRO A 572 8.58 -7.70 30.49
CA PRO A 572 9.59 -7.21 31.45
C PRO A 572 9.12 -6.00 32.24
N LEU A 573 8.36 -5.10 31.61
CA LEU A 573 7.80 -3.97 32.34
C LEU A 573 6.79 -4.45 33.36
N PHE A 574 5.98 -5.45 33.03
CA PHE A 574 4.99 -5.96 33.97
C PHE A 574 5.69 -6.61 35.16
N THR A 575 6.78 -7.34 34.91
CA THR A 575 7.56 -7.92 36.00
C THR A 575 8.17 -6.83 36.88
N TRP A 576 8.70 -5.77 36.28
CA TRP A 576 9.24 -4.66 37.06
C TRP A 576 8.14 -4.00 37.89
N LEU A 577 6.94 -3.87 37.32
CA LEU A 577 5.80 -3.33 38.05
C LEU A 577 5.44 -4.20 39.24
N LYS A 578 5.48 -5.53 39.05
CA LYS A 578 5.26 -6.44 40.18
C LYS A 578 6.32 -6.22 41.25
N ASP A 579 7.58 -6.09 40.85
CA ASP A 579 8.66 -5.89 41.81
C ASP A 579 8.47 -4.58 42.58
N GLN A 580 8.03 -3.53 41.89
CA GLN A 580 7.87 -2.23 42.53
C GLN A 580 6.63 -2.19 43.42
N ASN A 581 5.56 -2.89 43.04
CA ASN A 581 4.29 -2.84 43.75
C ASN A 581 4.11 -3.99 44.74
N LYS A 582 5.11 -4.86 44.89
CA LYS A 582 5.02 -5.90 45.91
C LYS A 582 4.85 -5.33 47.31
N ASN A 583 5.31 -4.09 47.55
CA ASN A 583 5.14 -3.41 48.83
C ASN A 583 4.14 -2.26 48.74
N SER A 584 3.33 -2.22 47.67
CA SER A 584 2.35 -1.17 47.48
C SER A 584 1.00 -1.80 47.18
N PHE A 585 -0.05 -1.21 47.76
CA PHE A 585 -1.40 -1.73 47.55
C PHE A 585 -1.83 -1.58 46.10
N VAL A 586 -2.47 -2.62 45.57
CA VAL A 586 -2.96 -2.64 44.20
C VAL A 586 -4.48 -2.78 44.24
N GLY A 587 -5.17 -1.87 43.56
CA GLY A 587 -6.62 -1.89 43.55
C GLY A 587 -7.22 -0.55 43.95
N TRP A 588 -8.47 -0.31 43.51
CA TRP A 588 -9.15 0.93 43.80
C TRP A 588 -10.56 0.63 44.31
N SER A 589 -11.05 1.51 45.19
CA SER A 589 -12.36 1.38 45.79
C SER A 589 -13.25 2.52 45.30
N THR A 590 -14.46 2.18 44.84
CA THR A 590 -15.35 3.19 44.26
C THR A 590 -15.87 4.16 45.32
N ASP A 591 -15.97 3.71 46.58
CA ASP A 591 -16.55 4.57 47.61
C ASP A 591 -15.68 5.77 47.93
N TRP A 592 -14.36 5.62 47.83
CA TRP A 592 -13.46 6.73 48.15
C TRP A 592 -13.58 7.83 47.11
N SER A 593 -13.59 9.08 47.58
CA SER A 593 -13.62 10.26 46.75
C SER A 593 -12.72 11.32 47.35
N PRO A 594 -12.15 12.21 46.53
CA PRO A 594 -11.33 13.29 47.09
C PRO A 594 -12.10 14.22 48.01
N TYR A 595 -13.39 14.42 47.76
CA TYR A 595 -14.22 15.27 48.60
C TYR A 595 -14.83 14.52 49.78
N ALA A 596 -14.60 13.22 49.88
CA ALA A 596 -15.13 12.39 50.97
C ALA A 596 -16.65 12.50 51.07
N THR B 1 14.84 7.49 -50.47
CA THR B 1 15.31 7.66 -49.10
C THR B 1 14.27 8.40 -48.25
N ASN B 2 12.99 8.06 -48.46
CA ASN B 2 11.90 8.68 -47.73
C ASN B 2 11.70 7.93 -46.42
N LEU B 3 12.10 8.55 -45.31
CA LEU B 3 11.96 7.93 -44.01
C LEU B 3 10.49 7.83 -43.61
N CYS B 4 10.12 6.71 -42.99
CA CYS B 4 8.75 6.52 -42.57
C CYS B 4 8.38 7.53 -41.48
N PRO B 5 7.11 7.95 -41.44
CA PRO B 5 6.72 9.00 -40.48
C PRO B 5 6.61 8.51 -39.05
N PHE B 6 7.71 7.98 -38.50
CA PHE B 6 7.72 7.61 -37.09
C PHE B 6 7.74 8.85 -36.19
N ASP B 7 8.36 9.93 -36.65
CA ASP B 7 8.32 11.18 -35.89
C ASP B 7 6.91 11.76 -35.85
N GLU B 8 6.13 11.54 -36.90
CA GLU B 8 4.74 11.99 -36.89
C GLU B 8 3.94 11.28 -35.80
N VAL B 9 4.19 9.99 -35.60
CA VAL B 9 3.46 9.22 -34.60
C VAL B 9 3.96 9.54 -33.20
N PHE B 10 5.27 9.42 -32.98
CA PHE B 10 5.80 9.56 -31.62
C PHE B 10 5.80 11.01 -31.15
N ASN B 11 6.17 11.94 -32.03
CA ASN B 11 6.23 13.36 -31.69
C ASN B 11 4.95 14.11 -32.04
N ALA B 12 3.82 13.43 -32.05
CA ALA B 12 2.55 14.11 -32.30
C ALA B 12 2.23 15.06 -31.15
N THR B 13 1.69 16.23 -31.50
CA THR B 13 1.37 17.23 -30.47
C THR B 13 0.28 16.73 -29.53
N ARG B 14 -0.75 16.11 -30.07
CA ARG B 14 -1.87 15.61 -29.27
C ARG B 14 -2.20 14.19 -29.71
N PHE B 15 -2.07 13.24 -28.78
CA PHE B 15 -2.46 11.86 -29.05
C PHE B 15 -3.97 11.71 -28.95
N ALA B 16 -4.46 10.55 -29.40
CA ALA B 16 -5.88 10.30 -29.43
C ALA B 16 -6.33 9.49 -28.21
N SER B 17 -7.64 9.49 -27.97
CA SER B 17 -8.21 8.73 -26.88
C SER B 17 -8.22 7.24 -27.19
N VAL B 18 -8.24 6.42 -26.13
CA VAL B 18 -8.03 5.00 -26.28
C VAL B 18 -9.21 4.32 -26.97
N TYR B 19 -10.43 4.83 -26.80
CA TYR B 19 -11.58 4.15 -27.39
C TYR B 19 -11.57 4.27 -28.92
N ALA B 20 -10.94 5.30 -29.45
CA ALA B 20 -10.76 5.53 -30.88
C ALA B 20 -9.29 5.76 -31.17
N TRP B 21 -8.43 4.87 -30.68
CA TRP B 21 -6.99 5.03 -30.78
C TRP B 21 -6.57 5.32 -32.22
N ASN B 22 -5.64 6.26 -32.36
CA ASN B 22 -5.28 6.77 -33.68
C ASN B 22 -4.44 5.73 -34.41
N ARG B 23 -5.00 5.13 -35.45
CA ARG B 23 -4.32 4.12 -36.25
C ARG B 23 -3.80 4.76 -37.52
N LYS B 24 -2.49 4.65 -37.75
CA LYS B 24 -1.85 5.18 -38.94
C LYS B 24 -1.20 4.03 -39.70
N ARG B 25 -1.43 3.98 -41.01
CA ARG B 25 -0.84 2.96 -41.85
C ARG B 25 0.44 3.48 -42.47
N ILE B 26 1.52 2.74 -42.29
CA ILE B 26 2.85 3.13 -42.75
C ILE B 26 3.32 2.10 -43.76
N SER B 27 3.61 2.56 -44.98
CA SER B 27 4.04 1.68 -46.05
C SER B 27 4.78 2.50 -47.10
N ASN B 28 5.56 1.80 -47.92
CA ASN B 28 6.30 2.39 -49.03
C ASN B 28 7.24 3.51 -48.54
N CYS B 29 8.03 3.19 -47.52
CA CYS B 29 9.01 4.13 -47.01
C CYS B 29 10.11 3.36 -46.30
N VAL B 30 11.24 4.03 -46.09
CA VAL B 30 12.34 3.46 -45.33
C VAL B 30 12.01 3.54 -43.85
N ALA B 31 11.96 2.39 -43.19
CA ALA B 31 11.59 2.31 -41.78
C ALA B 31 12.80 2.67 -40.93
N ASP B 32 12.72 3.78 -40.21
CA ASP B 32 13.83 4.29 -39.42
C ASP B 32 13.68 3.85 -37.97
N TYR B 33 13.89 2.55 -37.74
CA TYR B 33 14.10 2.08 -36.37
C TYR B 33 15.48 2.43 -35.84
N SER B 34 16.39 2.91 -36.72
CA SER B 34 17.72 3.31 -36.30
C SER B 34 17.71 4.41 -35.25
N VAL B 35 16.67 5.25 -35.23
CA VAL B 35 16.48 6.15 -34.10
C VAL B 35 15.12 5.84 -33.48
N LEU B 36 15.11 4.87 -32.57
CA LEU B 36 14.01 4.63 -31.66
C LEU B 36 14.62 4.15 -30.34
N TYR B 37 15.95 4.10 -30.33
CA TYR B 37 16.72 3.52 -29.23
C TYR B 37 17.43 4.55 -28.38
N ASN B 38 17.95 5.62 -28.98
CA ASN B 38 18.70 6.64 -28.26
C ASN B 38 17.82 7.57 -27.43
N LEU B 39 16.51 7.34 -27.40
CA LEU B 39 15.64 8.13 -26.53
C LEU B 39 15.58 7.54 -25.13
N ALA B 40 16.50 6.63 -24.80
CA ALA B 40 16.62 5.94 -23.51
C ALA B 40 15.41 5.04 -23.28
N PRO B 41 15.33 4.33 -22.15
CA PRO B 41 14.07 3.67 -21.79
C PRO B 41 12.94 4.68 -21.69
N PHE B 42 11.73 4.32 -22.14
CA PHE B 42 10.62 5.25 -22.12
C PHE B 42 9.88 5.05 -20.82
N PHE B 43 9.11 3.97 -20.67
CA PHE B 43 8.87 3.30 -19.39
C PHE B 43 8.80 1.82 -19.70
N THR B 44 8.44 1.51 -20.95
CA THR B 44 8.25 0.14 -21.41
C THR B 44 8.51 0.07 -22.91
N PHE B 45 9.25 -0.96 -23.31
CA PHE B 45 9.53 -1.22 -24.71
C PHE B 45 9.60 -2.71 -24.95
N LYS B 46 8.47 -3.32 -25.34
CA LYS B 46 8.36 -4.77 -25.40
C LYS B 46 7.93 -5.20 -26.80
N CYS B 47 8.74 -6.02 -27.45
CA CYS B 47 8.43 -6.54 -28.78
C CYS B 47 8.03 -8.01 -28.65
N TYR B 48 6.78 -8.31 -29.00
CA TYR B 48 6.24 -9.66 -28.93
C TYR B 48 6.32 -10.30 -30.31
N GLY B 49 6.94 -11.48 -30.38
CA GLY B 49 7.10 -12.20 -31.63
C GLY B 49 8.35 -11.83 -32.41
N VAL B 50 8.99 -10.71 -32.07
CA VAL B 50 10.22 -10.27 -32.71
C VAL B 50 11.18 -9.80 -31.63
N SER B 51 12.36 -9.34 -32.06
CA SER B 51 13.35 -8.84 -31.13
C SER B 51 13.71 -7.40 -31.48
N PRO B 52 13.88 -6.53 -30.46
CA PRO B 52 14.27 -5.14 -30.75
C PRO B 52 15.59 -5.01 -31.47
N THR B 53 16.54 -5.91 -31.20
CA THR B 53 17.86 -5.82 -31.82
C THR B 53 17.77 -6.04 -33.33
N LYS B 54 16.94 -7.01 -33.73
CA LYS B 54 16.79 -7.42 -35.16
C LYS B 54 15.74 -6.58 -35.89
N LEU B 55 15.46 -5.36 -35.41
CA LEU B 55 14.50 -4.49 -36.07
C LEU B 55 15.21 -3.49 -36.99
N ASN B 56 15.93 -4.03 -37.95
CA ASN B 56 16.52 -3.09 -38.92
C ASN B 56 16.48 -3.76 -40.28
N ASP B 57 16.72 -5.06 -40.34
CA ASP B 57 16.90 -5.72 -41.64
C ASP B 57 15.82 -6.76 -41.91
N LEU B 58 14.58 -6.48 -41.53
CA LEU B 58 13.47 -7.39 -41.80
C LEU B 58 12.35 -6.61 -42.47
N CYS B 59 11.80 -7.18 -43.53
CA CYS B 59 10.81 -6.50 -44.36
C CYS B 59 9.40 -6.71 -43.82
N PHE B 60 8.63 -5.62 -43.81
CA PHE B 60 7.23 -5.66 -43.39
C PHE B 60 6.35 -5.10 -44.50
N THR B 61 5.12 -5.61 -44.59
CA THR B 61 4.18 -5.14 -45.59
C THR B 61 3.53 -3.83 -45.17
N ASN B 62 2.80 -3.84 -44.06
CA ASN B 62 2.17 -2.65 -43.52
C ASN B 62 2.51 -2.52 -42.05
N VAL B 63 2.83 -1.31 -41.62
CA VAL B 63 3.11 -1.01 -40.22
C VAL B 63 1.94 -0.22 -39.67
N TYR B 64 1.20 -0.80 -38.74
CA TYR B 64 0.06 -0.14 -38.11
C TYR B 64 0.53 0.49 -36.82
N ALA B 65 0.67 1.83 -36.83
CA ALA B 65 1.07 2.59 -35.66
C ALA B 65 -0.19 3.04 -34.94
N ASP B 66 -0.48 2.42 -33.80
CA ASP B 66 -1.67 2.71 -33.01
C ASP B 66 -1.25 3.53 -31.81
N SER B 67 -1.51 4.84 -31.86
CA SER B 67 -1.11 5.77 -30.82
C SER B 67 -2.32 6.14 -29.97
N PHE B 68 -2.13 6.11 -28.65
CA PHE B 68 -3.19 6.50 -27.72
C PHE B 68 -2.55 6.85 -26.38
N VAL B 69 -3.38 7.23 -25.42
CA VAL B 69 -2.95 7.61 -24.08
C VAL B 69 -3.76 6.84 -23.06
N ILE B 70 -3.08 6.21 -22.11
CA ILE B 70 -3.74 5.47 -21.03
C ILE B 70 -3.05 5.82 -19.72
N ARG B 71 -3.38 5.12 -18.63
CA ARG B 71 -2.67 5.35 -17.39
C ARG B 71 -1.52 4.34 -17.24
N GLY B 72 -0.64 4.62 -16.28
CA GLY B 72 0.55 3.80 -16.12
C GLY B 72 0.24 2.40 -15.62
N ASP B 73 -0.68 2.29 -14.66
CA ASP B 73 -1.02 0.99 -14.09
C ASP B 73 -1.77 0.09 -15.06
N GLU B 74 -2.22 0.61 -16.19
CA GLU B 74 -3.10 -0.12 -17.09
C GLU B 74 -2.43 -0.48 -18.40
N VAL B 75 -1.23 0.08 -18.68
CA VAL B 75 -0.50 -0.25 -19.90
C VAL B 75 -0.09 -1.71 -19.93
N ARG B 76 -0.02 -2.37 -18.76
CA ARG B 76 0.25 -3.79 -18.74
C ARG B 76 -0.83 -4.59 -19.46
N GLN B 77 -2.00 -4.00 -19.67
CA GLN B 77 -3.03 -4.64 -20.49
C GLN B 77 -2.74 -4.55 -21.98
N ILE B 78 -1.73 -3.78 -22.39
CA ILE B 78 -1.34 -3.70 -23.81
C ILE B 78 -0.33 -4.82 -24.04
N ALA B 79 -0.86 -6.02 -24.26
CA ALA B 79 -0.05 -7.21 -24.48
C ALA B 79 -0.94 -8.35 -24.98
N PRO B 80 -0.39 -9.26 -25.79
CA PRO B 80 -1.20 -10.40 -26.24
C PRO B 80 -1.67 -11.26 -25.07
N GLY B 81 -2.89 -11.76 -25.18
CA GLY B 81 -3.46 -12.62 -24.15
C GLY B 81 -3.64 -11.93 -22.81
N GLN B 82 -4.14 -10.71 -22.81
CA GLN B 82 -4.36 -9.94 -21.59
C GLN B 82 -5.84 -9.62 -21.44
N THR B 83 -6.27 -9.48 -20.18
CA THR B 83 -7.65 -9.15 -19.85
C THR B 83 -7.67 -7.88 -19.01
N GLY B 84 -8.65 -7.01 -19.29
CA GLY B 84 -8.77 -5.77 -18.57
C GLY B 84 -9.73 -4.84 -19.27
N ASN B 85 -9.72 -3.58 -18.84
CA ASN B 85 -10.60 -2.58 -19.43
C ASN B 85 -10.24 -2.34 -20.90
N ILE B 86 -8.95 -2.09 -21.17
CA ILE B 86 -8.53 -1.78 -22.52
C ILE B 86 -8.74 -2.98 -23.44
N ALA B 87 -8.33 -4.16 -22.99
CA ALA B 87 -8.43 -5.34 -23.83
C ALA B 87 -9.88 -5.68 -24.15
N ASP B 88 -10.75 -5.63 -23.15
CA ASP B 88 -12.15 -6.01 -23.35
C ASP B 88 -12.92 -4.95 -24.13
N TYR B 89 -12.75 -3.67 -23.79
CA TYR B 89 -13.63 -2.62 -24.28
C TYR B 89 -12.97 -1.58 -25.17
N ASN B 90 -11.65 -1.41 -25.11
CA ASN B 90 -10.99 -0.31 -25.82
C ASN B 90 -10.05 -0.79 -26.90
N TYR B 91 -9.08 -1.64 -26.58
CA TYR B 91 -8.06 -2.05 -27.55
C TYR B 91 -7.64 -3.48 -27.26
N LYS B 92 -7.92 -4.38 -28.19
CA LYS B 92 -7.59 -5.80 -28.05
C LYS B 92 -6.45 -6.18 -28.98
N LEU B 93 -5.50 -6.94 -28.44
CA LEU B 93 -4.39 -7.49 -29.19
C LEU B 93 -4.52 -9.01 -29.28
N PRO B 94 -4.38 -9.58 -30.47
CA PRO B 94 -4.58 -11.03 -30.62
C PRO B 94 -3.51 -11.83 -29.92
N ASP B 95 -3.80 -13.12 -29.72
CA ASP B 95 -2.81 -14.03 -29.13
C ASP B 95 -1.60 -14.16 -30.03
N ASP B 96 -1.80 -14.18 -31.35
CA ASP B 96 -0.73 -14.27 -32.32
C ASP B 96 -0.16 -12.91 -32.70
N PHE B 97 -0.31 -11.90 -31.84
CA PHE B 97 0.18 -10.56 -32.15
C PHE B 97 1.69 -10.55 -32.29
N THR B 98 2.17 -10.10 -33.45
CA THR B 98 3.60 -9.90 -33.70
C THR B 98 3.81 -8.41 -33.92
N GLY B 99 4.51 -7.78 -33.00
CA GLY B 99 4.71 -6.34 -33.08
C GLY B 99 5.49 -5.84 -31.89
N CYS B 100 5.37 -4.54 -31.63
CA CYS B 100 6.06 -3.92 -30.51
C CYS B 100 5.13 -2.94 -29.82
N VAL B 101 5.39 -2.72 -28.53
CA VAL B 101 4.63 -1.79 -27.70
C VAL B 101 5.63 -0.83 -27.08
N ILE B 102 5.41 0.47 -27.27
CA ILE B 102 6.27 1.53 -26.75
C ILE B 102 5.42 2.39 -25.82
N ALA B 103 5.75 2.41 -24.54
CA ALA B 103 5.02 3.17 -23.55
C ALA B 103 5.94 4.14 -22.84
N TRP B 104 5.63 5.44 -22.93
CA TRP B 104 6.41 6.47 -22.25
C TRP B 104 5.50 7.41 -21.48
N ASN B 105 5.93 7.79 -20.29
CA ASN B 105 5.18 8.74 -19.47
C ASN B 105 5.08 10.08 -20.19
N SER B 106 3.91 10.70 -20.10
CA SER B 106 3.67 12.01 -20.71
C SER B 106 2.96 12.92 -19.71
N ASN B 107 3.40 12.90 -18.46
CA ASN B 107 2.79 13.77 -17.45
C ASN B 107 3.01 15.24 -17.78
N LYS B 108 4.18 15.59 -18.32
CA LYS B 108 4.45 16.97 -18.67
C LYS B 108 3.52 17.48 -19.77
N LEU B 109 3.22 16.63 -20.76
CA LEU B 109 2.50 17.07 -21.93
C LEU B 109 0.99 16.84 -21.84
N ASP B 110 0.55 15.76 -21.20
CA ASP B 110 -0.85 15.36 -21.20
C ASP B 110 -1.47 15.43 -19.81
N SER B 111 -1.10 16.46 -19.03
CA SER B 111 -1.72 16.69 -17.74
C SER B 111 -2.00 18.18 -17.56
N LYS B 112 -3.09 18.48 -16.87
CA LYS B 112 -3.46 19.84 -16.53
C LYS B 112 -3.83 19.90 -15.06
N VAL B 113 -3.53 21.04 -14.43
CA VAL B 113 -3.87 21.22 -13.02
C VAL B 113 -5.37 21.16 -12.82
N SER B 114 -6.13 21.76 -13.74
CA SER B 114 -7.59 21.68 -13.70
C SER B 114 -8.11 20.31 -14.11
N GLY B 115 -7.28 19.44 -14.66
CA GLY B 115 -7.72 18.12 -15.08
C GLY B 115 -7.89 18.01 -16.58
N ASN B 116 -7.16 17.08 -17.20
CA ASN B 116 -7.23 16.88 -18.64
C ASN B 116 -8.28 15.83 -18.93
N TYR B 117 -9.52 16.28 -19.16
CA TYR B 117 -10.65 15.41 -19.40
C TYR B 117 -10.83 15.04 -20.88
N ASN B 118 -9.88 15.41 -21.73
CA ASN B 118 -9.99 15.14 -23.17
C ASN B 118 -9.75 13.68 -23.53
N TYR B 119 -9.27 12.88 -22.59
CA TYR B 119 -9.00 11.47 -22.83
C TYR B 119 -10.12 10.65 -22.21
N LEU B 120 -10.71 9.75 -23.01
CA LEU B 120 -11.87 8.97 -22.62
C LEU B 120 -11.64 7.49 -22.87
N TYR B 121 -12.34 6.66 -22.12
CA TYR B 121 -12.25 5.22 -22.28
C TYR B 121 -13.65 4.62 -22.11
N ARG B 122 -13.90 3.53 -22.82
CA ARG B 122 -15.17 2.84 -22.67
C ARG B 122 -15.10 1.93 -21.44
N LEU B 123 -15.88 2.27 -20.41
CA LEU B 123 -15.92 1.50 -19.18
C LEU B 123 -16.89 0.33 -19.26
N PHE B 124 -17.91 0.41 -20.11
CA PHE B 124 -18.96 -0.59 -20.17
C PHE B 124 -19.19 -1.03 -21.61
N ARG B 125 -19.42 -2.33 -21.79
CA ARG B 125 -19.75 -2.89 -23.10
C ARG B 125 -20.53 -4.18 -22.90
N LYS B 126 -21.36 -4.50 -23.90
CA LYS B 126 -22.12 -5.75 -23.85
C LYS B 126 -21.20 -6.96 -23.99
N SER B 127 -20.26 -6.91 -24.92
CA SER B 127 -19.34 -8.01 -25.15
C SER B 127 -17.94 -7.47 -25.33
N ASN B 128 -16.95 -8.34 -25.11
CA ASN B 128 -15.56 -7.95 -25.29
C ASN B 128 -15.25 -7.70 -26.76
N LEU B 129 -14.26 -6.84 -27.00
CA LEU B 129 -13.89 -6.46 -28.35
C LEU B 129 -12.98 -7.49 -28.99
N LYS B 130 -13.17 -7.73 -30.29
CA LYS B 130 -12.24 -8.54 -31.05
C LYS B 130 -10.97 -7.74 -31.34
N PRO B 131 -9.86 -8.44 -31.63
CA PRO B 131 -8.61 -7.74 -31.92
C PRO B 131 -8.76 -6.76 -33.09
N PHE B 132 -8.19 -5.57 -32.90
CA PHE B 132 -8.13 -4.54 -33.94
C PHE B 132 -9.52 -4.10 -34.40
N GLU B 133 -10.45 -3.98 -33.45
CA GLU B 133 -11.78 -3.47 -33.73
C GLU B 133 -12.01 -2.21 -32.91
N ARG B 134 -12.47 -1.15 -33.58
CA ARG B 134 -12.76 0.12 -32.91
C ARG B 134 -14.26 0.36 -32.91
N ASP B 135 -14.79 0.71 -31.73
CA ASP B 135 -16.16 1.13 -31.57
C ASP B 135 -16.17 2.57 -31.07
N ILE B 136 -16.81 3.46 -31.82
CA ILE B 136 -16.88 4.86 -31.47
C ILE B 136 -18.28 5.28 -31.05
N SER B 137 -19.31 4.54 -31.44
CA SER B 137 -20.69 4.90 -31.10
C SER B 137 -20.86 5.02 -29.59
N THR B 138 -21.52 6.10 -29.18
CA THR B 138 -21.72 6.41 -27.76
C THR B 138 -23.14 6.10 -27.30
N GLU B 139 -23.73 5.03 -27.83
CA GLU B 139 -25.07 4.63 -27.41
C GLU B 139 -25.06 4.27 -25.92
N ILE B 140 -26.17 4.61 -25.25
CA ILE B 140 -26.28 4.37 -23.82
C ILE B 140 -26.24 2.87 -23.55
N TYR B 141 -25.31 2.45 -22.69
CA TYR B 141 -25.18 1.03 -22.37
C TYR B 141 -26.34 0.58 -21.49
N GLN B 142 -26.97 -0.51 -21.87
CA GLN B 142 -28.11 -1.06 -21.14
C GLN B 142 -27.62 -2.16 -20.21
N ALA B 143 -27.75 -1.93 -18.90
CA ALA B 143 -27.34 -2.91 -17.90
C ALA B 143 -28.44 -3.91 -17.61
N GLY B 144 -29.64 -3.43 -17.28
CA GLY B 144 -30.77 -4.29 -16.99
C GLY B 144 -31.57 -4.63 -18.24
N ASN B 145 -32.76 -5.18 -18.00
CA ASN B 145 -33.66 -5.54 -19.09
C ASN B 145 -34.63 -4.42 -19.45
N LYS B 146 -34.83 -3.45 -18.56
CA LYS B 146 -35.72 -2.34 -18.86
C LYS B 146 -35.10 -1.47 -19.96
N PRO B 147 -35.91 -0.90 -20.84
CA PRO B 147 -35.37 -0.03 -21.88
C PRO B 147 -34.77 1.24 -21.30
N CYS B 148 -33.75 1.75 -21.98
CA CYS B 148 -33.07 2.97 -21.55
C CYS B 148 -33.56 4.21 -22.28
N ASN B 149 -34.08 4.05 -23.50
CA ASN B 149 -34.61 5.16 -24.30
C ASN B 149 -33.55 6.21 -24.58
N GLY B 150 -32.28 5.81 -24.56
CA GLY B 150 -31.21 6.74 -24.87
C GLY B 150 -30.96 7.83 -23.85
N VAL B 151 -31.43 7.65 -22.61
CA VAL B 151 -31.24 8.62 -21.55
C VAL B 151 -30.68 7.90 -20.33
N ALA B 152 -29.71 8.52 -19.67
CA ALA B 152 -29.08 7.94 -18.50
C ALA B 152 -30.07 7.86 -17.35
N GLY B 153 -29.93 6.80 -16.54
CA GLY B 153 -30.80 6.59 -15.41
C GLY B 153 -30.45 5.35 -14.62
N PHE B 154 -31.47 4.57 -14.25
CA PHE B 154 -31.25 3.33 -13.51
C PHE B 154 -30.88 2.22 -14.50
N ASN B 155 -29.73 1.58 -14.25
CA ASN B 155 -29.17 0.57 -15.15
C ASN B 155 -28.93 1.12 -16.56
N CYS B 156 -28.78 2.44 -16.67
CA CYS B 156 -28.53 3.09 -17.95
C CYS B 156 -27.41 4.09 -17.76
N TYR B 157 -26.25 3.81 -18.34
CA TYR B 157 -25.04 4.61 -18.12
C TYR B 157 -24.37 4.94 -19.44
N PHE B 158 -23.68 6.07 -19.46
CA PHE B 158 -22.90 6.45 -20.63
C PHE B 158 -21.63 5.60 -20.70
N PRO B 159 -21.36 4.96 -21.84
CA PRO B 159 -20.21 4.06 -21.91
C PRO B 159 -18.86 4.74 -21.69
N LEU B 160 -18.72 6.01 -22.07
CA LEU B 160 -17.41 6.66 -22.07
C LEU B 160 -17.19 7.46 -20.79
N ARG B 161 -16.04 7.26 -20.16
CA ARG B 161 -15.65 7.92 -18.93
C ARG B 161 -14.28 8.58 -19.12
N SER B 162 -13.90 9.44 -18.17
CA SER B 162 -12.77 10.34 -18.35
C SER B 162 -11.59 9.95 -17.47
N TYR B 163 -10.41 9.83 -18.08
CA TYR B 163 -9.16 9.74 -17.31
C TYR B 163 -8.98 10.95 -16.40
N SER B 164 -9.15 12.16 -16.94
CA SER B 164 -8.97 13.40 -16.18
C SER B 164 -7.56 13.47 -15.57
N PHE B 165 -6.57 13.50 -16.46
CA PHE B 165 -5.17 13.51 -16.03
C PHE B 165 -4.79 14.83 -15.39
N ARG B 166 -4.02 14.75 -14.31
CA ARG B 166 -3.47 15.89 -13.58
C ARG B 166 -2.01 15.61 -13.29
N PRO B 167 -1.16 16.64 -13.26
CA PRO B 167 0.29 16.40 -13.11
C PRO B 167 0.68 15.74 -11.80
N THR B 168 -0.16 15.80 -10.78
CA THR B 168 0.16 15.23 -9.48
C THR B 168 -0.25 13.77 -9.37
N TYR B 169 -0.73 13.16 -10.44
CA TYR B 169 -1.09 11.75 -10.41
C TYR B 169 0.14 10.87 -10.20
N GLY B 170 -0.09 9.70 -9.64
CA GLY B 170 0.99 8.74 -9.45
C GLY B 170 1.44 8.12 -10.76
N VAL B 171 2.54 7.39 -10.68
CA VAL B 171 3.10 6.74 -11.86
C VAL B 171 2.09 5.80 -12.51
N GLY B 172 1.30 5.09 -11.68
CA GLY B 172 0.30 4.19 -12.21
C GLY B 172 -0.88 4.88 -12.86
N HIS B 173 -1.14 6.13 -12.50
CA HIS B 173 -2.26 6.89 -13.07
C HIS B 173 -1.82 8.07 -13.91
N GLN B 174 -0.52 8.25 -14.13
CA GLN B 174 -0.05 9.35 -14.95
C GLN B 174 -0.35 9.07 -16.43
N PRO B 175 -0.46 10.11 -17.25
CA PRO B 175 -0.75 9.90 -18.68
C PRO B 175 0.43 9.28 -19.41
N TYR B 176 0.30 8.01 -19.77
CA TYR B 176 1.33 7.31 -20.55
C TYR B 176 0.88 7.22 -21.99
N ARG B 177 1.72 7.74 -22.89
CA ARG B 177 1.48 7.61 -24.32
C ARG B 177 2.00 6.26 -24.78
N VAL B 178 1.15 5.51 -25.47
CA VAL B 178 1.45 4.16 -25.91
C VAL B 178 1.28 4.09 -27.42
N VAL B 179 2.31 3.61 -28.10
CA VAL B 179 2.30 3.36 -29.53
C VAL B 179 2.51 1.87 -29.75
N VAL B 180 1.55 1.23 -30.41
CA VAL B 180 1.60 -0.18 -30.75
C VAL B 180 1.92 -0.29 -32.23
N LEU B 181 3.09 -0.82 -32.55
CA LEU B 181 3.50 -1.05 -33.93
C LEU B 181 3.14 -2.49 -34.27
N SER B 182 2.12 -2.66 -35.10
CA SER B 182 1.69 -3.97 -35.57
C SER B 182 2.30 -4.24 -36.94
N PHE B 183 2.94 -5.39 -37.08
CA PHE B 183 3.63 -5.77 -38.30
C PHE B 183 2.90 -6.92 -38.97
N GLU B 184 2.57 -6.74 -40.24
CA GLU B 184 1.83 -7.74 -41.02
C GLU B 184 2.72 -8.29 -42.13
N LEU B 185 2.71 -9.61 -42.30
CA LEU B 185 3.48 -10.30 -43.33
C LEU B 185 2.52 -11.13 -44.16
N LEU B 186 2.16 -10.63 -45.33
CA LEU B 186 1.28 -11.32 -46.27
C LEU B 186 2.02 -11.54 -47.60
N HIS B 187 1.29 -12.04 -48.59
CA HIS B 187 1.82 -12.24 -49.93
C HIS B 187 1.86 -10.91 -50.66
N ALA B 188 2.76 -10.05 -50.20
CA ALA B 188 2.91 -8.69 -50.71
C ALA B 188 4.39 -8.40 -50.88
N PRO B 189 4.74 -7.42 -51.72
CA PRO B 189 6.16 -7.07 -51.88
C PRO B 189 6.84 -6.64 -50.60
N ALA B 190 6.08 -6.08 -49.65
CA ALA B 190 6.62 -5.65 -48.35
C ALA B 190 7.73 -4.61 -48.55
N THR B 191 7.33 -3.47 -49.10
CA THR B 191 8.24 -2.38 -49.43
C THR B 191 8.81 -1.66 -48.21
N VAL B 192 8.56 -2.12 -46.98
CA VAL B 192 9.12 -1.47 -45.80
C VAL B 192 10.19 -2.37 -45.19
N CYS B 193 11.43 -2.17 -45.61
CA CYS B 193 12.56 -2.95 -45.11
C CYS B 193 13.57 -2.10 -44.36
N GLY B 194 14.12 -1.06 -44.99
CA GLY B 194 15.12 -0.23 -44.38
C GLY B 194 16.50 -0.84 -44.47
N PRO B 195 17.48 -0.04 -44.90
CA PRO B 195 18.87 -0.51 -45.01
C PRO B 195 19.51 -0.77 -43.64
N VAL C 2 35.07 -20.52 -33.26
CA VAL C 2 34.20 -19.65 -32.48
C VAL C 2 34.27 -19.99 -30.98
N GLN C 3 34.59 -18.97 -30.18
CA GLN C 3 34.72 -19.13 -28.74
C GLN C 3 34.37 -17.83 -28.04
N LEU C 4 33.94 -17.95 -26.78
CA LEU C 4 33.69 -16.81 -25.93
C LEU C 4 34.35 -17.08 -24.58
N VAL C 5 35.13 -16.12 -24.10
CA VAL C 5 35.88 -16.26 -22.86
C VAL C 5 35.49 -15.14 -21.91
N GLU C 6 35.12 -15.50 -20.69
CA GLU C 6 34.69 -14.53 -19.68
C GLU C 6 35.83 -14.24 -18.69
N SER C 7 35.79 -13.05 -18.11
CA SER C 7 36.75 -12.65 -17.10
C SER C 7 36.18 -11.51 -16.28
N GLY C 8 36.74 -11.33 -15.08
CA GLY C 8 36.34 -10.25 -14.20
C GLY C 8 35.67 -10.68 -12.92
N GLY C 9 35.42 -11.97 -12.72
CA GLY C 9 34.76 -12.42 -11.51
C GLY C 9 35.68 -12.36 -10.30
N GLY C 10 35.06 -12.30 -9.13
CA GLY C 10 35.81 -12.25 -7.89
C GLY C 10 34.89 -11.90 -6.72
N LEU C 11 35.53 -11.62 -5.58
CA LEU C 11 34.83 -11.27 -4.36
C LEU C 11 34.94 -9.77 -4.14
N VAL C 12 33.80 -9.11 -4.01
CA VAL C 12 33.74 -7.67 -3.78
C VAL C 12 32.75 -7.38 -2.65
N GLN C 13 32.93 -6.22 -2.02
CA GLN C 13 32.09 -5.79 -0.93
C GLN C 13 30.72 -5.34 -1.45
N PRO C 14 29.68 -5.40 -0.61
CA PRO C 14 28.36 -4.91 -1.03
C PRO C 14 28.41 -3.43 -1.37
N GLY C 15 27.63 -3.04 -2.39
CA GLY C 15 27.62 -1.66 -2.83
C GLY C 15 28.77 -1.25 -3.71
N GLY C 16 29.62 -2.19 -4.11
CA GLY C 16 30.76 -1.90 -4.94
C GLY C 16 30.44 -1.95 -6.42
N SER C 17 31.50 -1.97 -7.23
CA SER C 17 31.37 -2.00 -8.67
C SER C 17 32.37 -2.99 -9.26
N LEU C 18 32.06 -3.49 -10.45
CA LEU C 18 32.93 -4.44 -11.13
C LEU C 18 32.78 -4.27 -12.63
N ARG C 19 33.76 -4.76 -13.36
CA ARG C 19 33.80 -4.67 -14.83
C ARG C 19 34.07 -6.06 -15.37
N LEU C 20 33.00 -6.74 -15.82
CA LEU C 20 33.16 -8.04 -16.44
C LEU C 20 33.39 -7.90 -17.94
N SER C 21 34.18 -8.81 -18.49
CA SER C 21 34.59 -8.74 -19.89
C SER C 21 34.41 -10.10 -20.56
N CYS C 22 34.10 -10.05 -21.85
CA CYS C 22 33.99 -11.23 -22.68
C CYS C 22 34.73 -11.00 -23.98
N ALA C 23 35.60 -11.94 -24.35
CA ALA C 23 36.32 -11.92 -25.60
C ALA C 23 35.72 -12.95 -26.54
N ALA C 24 35.41 -12.53 -27.77
CA ALA C 24 34.76 -13.38 -28.76
C ALA C 24 35.70 -13.63 -29.93
N SER C 25 35.65 -14.84 -30.47
CA SER C 25 36.51 -15.22 -31.58
C SER C 25 35.75 -16.17 -32.50
N GLY C 26 36.21 -16.26 -33.74
CA GLY C 26 35.63 -17.16 -34.71
C GLY C 26 34.44 -16.63 -35.48
N PHE C 27 33.98 -15.41 -35.17
CA PHE C 27 32.85 -14.83 -35.88
C PHE C 27 32.99 -13.31 -35.82
N THR C 28 32.28 -12.65 -36.75
CA THR C 28 32.29 -11.19 -36.79
C THR C 28 31.49 -10.62 -35.63
N PHE C 29 32.11 -9.76 -34.83
CA PHE C 29 31.47 -9.21 -33.66
C PHE C 29 30.46 -8.13 -33.99
N SER C 30 30.64 -7.58 -35.20
CA SER C 30 29.78 -6.50 -35.73
C SER C 30 28.63 -7.12 -36.55
N SER C 31 28.05 -8.21 -36.08
CA SER C 31 26.91 -8.80 -36.82
C SER C 31 26.02 -9.56 -35.84
N TYR C 32 26.60 -9.90 -34.69
CA TYR C 32 25.89 -10.59 -33.59
C TYR C 32 25.59 -9.57 -32.51
N ASP C 33 24.51 -9.87 -31.77
CA ASP C 33 24.00 -9.06 -30.64
C ASP C 33 24.37 -9.81 -29.37
N MET C 34 25.16 -9.17 -28.50
CA MET C 34 25.65 -9.86 -27.31
C MET C 34 24.60 -9.84 -26.20
N HIS C 35 24.69 -10.85 -25.32
CA HIS C 35 23.84 -10.92 -24.14
C HIS C 35 24.68 -11.29 -22.92
N TRP C 36 24.19 -10.89 -21.75
CA TRP C 36 24.72 -11.33 -20.47
C TRP C 36 23.62 -12.08 -19.73
N VAL C 37 23.89 -13.33 -19.37
CA VAL C 37 22.94 -14.17 -18.66
C VAL C 37 23.58 -14.70 -17.39
N ARG C 38 22.90 -14.52 -16.25
CA ARG C 38 23.42 -14.99 -14.97
C ARG C 38 22.60 -16.17 -14.47
N GLN C 39 23.27 -17.07 -13.76
CA GLN C 39 22.67 -18.27 -13.22
C GLN C 39 22.97 -18.38 -11.74
N THR C 40 21.93 -18.68 -10.95
CA THR C 40 22.07 -18.93 -9.53
C THR C 40 21.46 -20.29 -9.21
N THR C 41 21.91 -20.88 -8.11
CA THR C 41 21.35 -22.16 -7.67
C THR C 41 19.92 -21.97 -7.22
N GLY C 42 19.02 -22.81 -7.74
CA GLY C 42 17.61 -22.71 -7.40
C GLY C 42 16.83 -21.87 -8.38
N LYS C 43 17.17 -20.58 -8.48
CA LYS C 43 16.46 -19.68 -9.37
C LYS C 43 16.73 -19.98 -10.84
N GLY C 44 17.78 -20.73 -11.14
CA GLY C 44 18.08 -21.09 -12.53
C GLY C 44 18.64 -19.93 -13.33
N LEU C 45 18.65 -20.12 -14.64
CA LEU C 45 19.18 -19.11 -15.55
C LEU C 45 18.31 -17.85 -15.53
N GLU C 46 18.94 -16.72 -15.85
CA GLU C 46 18.24 -15.44 -15.82
C GLU C 46 18.95 -14.47 -16.75
N TRP C 47 18.24 -14.00 -17.77
CA TRP C 47 18.78 -13.00 -18.68
C TRP C 47 18.99 -11.68 -17.94
N VAL C 48 20.15 -11.07 -18.14
CA VAL C 48 20.56 -9.89 -17.40
C VAL C 48 20.75 -8.67 -18.28
N SER C 49 21.32 -8.84 -19.47
CA SER C 49 21.58 -7.70 -20.34
C SER C 49 21.58 -8.13 -21.80
N THR C 50 21.29 -7.18 -22.68
CA THR C 50 21.37 -7.40 -24.12
C THR C 50 21.86 -6.12 -24.79
N ILE C 51 22.80 -6.26 -25.71
CA ILE C 51 23.26 -5.16 -26.54
C ILE C 51 23.22 -5.59 -28.01
N GLY C 52 22.71 -4.71 -28.86
CA GLY C 52 22.56 -5.00 -30.27
C GLY C 52 23.54 -4.26 -31.14
N THR C 53 23.28 -4.28 -32.45
CA THR C 53 24.18 -3.66 -33.41
C THR C 53 24.16 -2.14 -33.33
N ALA C 54 22.97 -1.55 -33.28
CA ALA C 54 22.85 -0.08 -33.34
C ALA C 54 22.81 0.56 -31.96
N GLY C 55 23.77 0.19 -31.12
CA GLY C 55 23.98 0.88 -29.85
C GLY C 55 22.78 0.92 -28.92
N ASP C 56 22.04 -0.17 -28.83
CA ASP C 56 20.86 -0.25 -27.97
C ASP C 56 21.09 -1.24 -26.84
N THR C 57 20.67 -0.86 -25.63
CA THR C 57 20.90 -1.65 -24.43
C THR C 57 19.57 -1.97 -23.76
N TYR C 58 19.41 -3.23 -23.36
CA TYR C 58 18.20 -3.69 -22.70
C TYR C 58 18.54 -4.45 -21.43
N TYR C 59 17.79 -4.16 -20.37
CA TYR C 59 17.94 -4.79 -19.06
C TYR C 59 16.56 -5.05 -18.48
N PRO C 60 16.43 -6.01 -17.56
CA PRO C 60 15.14 -6.23 -16.90
C PRO C 60 14.78 -5.10 -15.95
N ASP C 61 13.57 -5.17 -15.38
CA ASP C 61 13.10 -4.11 -14.50
C ASP C 61 13.96 -3.99 -13.24
N SER C 62 14.38 -5.12 -12.68
CA SER C 62 15.19 -5.13 -11.48
C SER C 62 16.66 -4.89 -11.75
N VAL C 63 17.06 -4.76 -13.01
CA VAL C 63 18.47 -4.60 -13.38
C VAL C 63 18.67 -3.26 -14.08
N LYS C 64 17.63 -2.77 -14.74
CA LYS C 64 17.73 -1.50 -15.45
C LYS C 64 18.01 -0.37 -14.48
N GLY C 65 18.92 0.52 -14.87
CA GLY C 65 19.38 1.58 -14.00
C GLY C 65 20.45 1.18 -13.02
N ARG C 66 20.88 -0.08 -13.03
CA ARG C 66 21.91 -0.58 -12.13
C ARG C 66 23.15 -1.08 -12.86
N PHE C 67 22.99 -1.83 -13.93
CA PHE C 67 24.11 -2.31 -14.73
C PHE C 67 24.26 -1.45 -15.99
N THR C 68 25.32 -1.74 -16.76
CA THR C 68 25.58 -1.01 -18.00
C THR C 68 26.37 -1.92 -18.94
N ILE C 69 25.74 -2.33 -20.03
CA ILE C 69 26.39 -3.17 -21.03
C ILE C 69 27.03 -2.26 -22.08
N SER C 70 28.11 -2.76 -22.69
CA SER C 70 28.80 -2.01 -23.74
C SER C 70 29.58 -2.98 -24.61
N ARG C 71 29.94 -2.52 -25.81
CA ARG C 71 30.66 -3.36 -26.76
C ARG C 71 31.74 -2.53 -27.44
N GLU C 72 32.78 -3.23 -27.92
CA GLU C 72 33.88 -2.63 -28.66
C GLU C 72 34.11 -3.49 -29.90
N ASP C 73 33.62 -3.03 -31.05
CA ASP C 73 33.78 -3.79 -32.28
C ASP C 73 35.24 -3.81 -32.75
N ALA C 74 35.98 -2.73 -32.51
CA ALA C 74 37.39 -2.71 -32.88
C ALA C 74 38.19 -3.76 -32.12
N LYS C 75 37.92 -3.90 -30.83
CA LYS C 75 38.56 -4.93 -30.01
C LYS C 75 37.75 -6.23 -29.96
N ASN C 76 36.57 -6.25 -30.56
CA ASN C 76 35.70 -7.43 -30.58
C ASN C 76 35.45 -7.95 -29.17
N SER C 77 35.14 -7.01 -28.27
CA SER C 77 34.98 -7.34 -26.85
C SER C 77 33.65 -6.83 -26.33
N LEU C 78 33.20 -7.44 -25.25
CA LEU C 78 31.96 -7.06 -24.57
C LEU C 78 32.26 -6.75 -23.12
N TYR C 79 31.65 -5.69 -22.59
CA TYR C 79 31.92 -5.23 -21.24
C TYR C 79 30.62 -5.01 -20.48
N LEU C 80 30.67 -5.22 -19.17
CA LEU C 80 29.50 -5.08 -18.31
C LEU C 80 29.94 -4.40 -17.02
N GLN C 81 29.53 -3.14 -16.85
CA GLN C 81 29.70 -2.43 -15.60
C GLN C 81 28.59 -2.81 -14.64
N MET C 82 28.95 -3.12 -13.40
CA MET C 82 27.98 -3.46 -12.36
C MET C 82 28.22 -2.59 -11.14
N ASN C 83 27.17 -1.92 -10.68
CA ASN C 83 27.25 -0.97 -9.58
C ASN C 83 26.14 -1.24 -8.58
N SER C 84 26.32 -0.72 -7.36
CA SER C 84 25.36 -0.86 -6.26
C SER C 84 25.01 -2.33 -6.04
N LEU C 85 26.04 -3.16 -5.99
CA LEU C 85 25.85 -4.61 -5.89
C LEU C 85 25.16 -4.98 -4.58
N ARG C 86 24.16 -5.85 -4.69
CA ARG C 86 23.42 -6.37 -3.55
C ARG C 86 23.79 -7.83 -3.33
N ALA C 87 23.14 -8.44 -2.33
CA ALA C 87 23.40 -9.84 -2.00
C ALA C 87 22.82 -10.79 -3.03
N GLY C 88 21.89 -10.34 -3.86
CA GLY C 88 21.28 -11.17 -4.87
C GLY C 88 22.03 -11.25 -6.18
N ASP C 89 23.17 -10.58 -6.30
CA ASP C 89 23.94 -10.59 -7.53
C ASP C 89 24.96 -11.72 -7.58
N THR C 90 25.12 -12.49 -6.51
CA THR C 90 26.01 -13.64 -6.51
C THR C 90 25.53 -14.67 -7.52
N ALA C 91 26.28 -14.84 -8.62
CA ALA C 91 25.82 -15.69 -9.70
C ALA C 91 26.99 -16.03 -10.61
N VAL C 92 26.77 -16.98 -11.51
CA VAL C 92 27.71 -17.30 -12.58
C VAL C 92 27.22 -16.58 -13.84
N TYR C 93 28.05 -15.72 -14.39
CA TYR C 93 27.68 -14.89 -15.53
C TYR C 93 28.30 -15.45 -16.81
N TYR C 94 27.50 -15.47 -17.87
CA TYR C 94 27.91 -15.97 -19.18
C TYR C 94 27.61 -14.91 -20.23
N CYS C 95 28.49 -14.80 -21.22
CA CYS C 95 28.29 -13.94 -22.37
C CYS C 95 27.80 -14.78 -23.53
N ALA C 96 26.79 -14.27 -24.24
CA ALA C 96 25.98 -15.04 -25.17
C ALA C 96 25.97 -14.39 -26.54
N ARG C 97 26.05 -15.22 -27.58
CA ARG C 97 25.86 -14.76 -28.95
C ARG C 97 24.48 -15.18 -29.42
N GLY C 98 23.69 -14.21 -29.88
CA GLY C 98 22.33 -14.45 -30.31
C GLY C 98 22.20 -14.29 -31.82
N ASP C 99 21.47 -15.23 -32.44
CA ASP C 99 21.16 -15.15 -33.86
C ASP C 99 19.70 -15.52 -34.05
N SER C 100 19.10 -14.99 -35.12
CA SER C 100 17.70 -15.18 -35.41
C SER C 100 17.52 -15.88 -36.74
N SER C 101 16.76 -16.97 -36.74
CA SER C 101 16.39 -17.67 -37.97
C SER C 101 15.09 -17.10 -38.54
N GLY C 102 15.05 -15.79 -38.72
CA GLY C 102 13.84 -15.11 -39.16
C GLY C 102 13.15 -14.38 -38.02
N TYR C 103 11.97 -14.86 -37.63
CA TYR C 103 11.23 -14.30 -36.52
C TYR C 103 11.58 -14.91 -35.18
N TYR C 104 12.35 -16.00 -35.15
CA TYR C 104 12.66 -16.72 -33.93
C TYR C 104 14.09 -16.39 -33.49
N TYR C 105 14.23 -15.94 -32.25
CA TYR C 105 15.50 -15.54 -31.70
C TYR C 105 15.99 -16.57 -30.70
N TYR C 106 17.30 -16.83 -30.72
CA TYR C 106 17.88 -17.89 -29.90
C TYR C 106 19.35 -17.57 -29.62
N PHE C 107 19.84 -18.10 -28.51
CA PHE C 107 21.23 -17.93 -28.10
C PHE C 107 22.04 -19.10 -28.65
N ASP C 108 22.86 -18.84 -29.68
CA ASP C 108 23.66 -19.89 -30.29
C ASP C 108 24.65 -20.49 -29.30
N TYR C 109 25.67 -19.71 -28.93
CA TYR C 109 26.77 -20.18 -28.10
C TYR C 109 27.02 -19.22 -26.95
N TRP C 110 27.38 -19.79 -25.79
CA TRP C 110 27.78 -19.01 -24.64
C TRP C 110 29.27 -19.18 -24.41
N GLY C 111 29.77 -18.59 -23.33
CA GLY C 111 31.16 -18.74 -22.97
C GLY C 111 31.40 -19.82 -21.94
N GLN C 112 32.31 -19.56 -21.00
CA GLN C 112 32.57 -20.49 -19.91
C GLN C 112 31.98 -20.02 -18.58
N GLY C 113 31.70 -18.73 -18.44
CA GLY C 113 31.09 -18.20 -17.23
C GLY C 113 32.10 -17.85 -16.16
N THR C 114 31.77 -16.85 -15.33
CA THR C 114 32.62 -16.47 -14.21
C THR C 114 31.74 -16.26 -12.99
N LEU C 115 32.26 -16.65 -11.84
CA LEU C 115 31.48 -16.62 -10.60
C LEU C 115 31.74 -15.31 -9.85
N LEU C 116 30.66 -14.61 -9.49
CA LEU C 116 30.73 -13.39 -8.72
C LEU C 116 29.98 -13.59 -7.42
N THR C 117 30.66 -13.33 -6.30
CA THR C 117 30.08 -13.47 -4.97
C THR C 117 30.33 -12.19 -4.18
N VAL C 118 29.39 -11.88 -3.30
CA VAL C 118 29.43 -10.67 -2.49
C VAL C 118 29.29 -11.05 -1.02
N SER C 119 30.11 -10.44 -0.18
CA SER C 119 30.06 -10.70 1.25
C SER C 119 29.79 -9.41 2.04
N ASP D 1 5.38 -10.37 -16.75
CA ASP D 1 6.29 -11.29 -17.41
C ASP D 1 5.67 -12.68 -17.50
N ILE D 2 6.21 -13.51 -18.38
CA ILE D 2 5.70 -14.86 -18.62
C ILE D 2 6.49 -15.82 -17.75
N GLN D 3 5.83 -16.40 -16.75
CA GLN D 3 6.44 -17.43 -15.92
C GLN D 3 6.46 -18.75 -16.68
N MET D 4 7.57 -19.48 -16.55
CA MET D 4 7.79 -20.70 -17.32
C MET D 4 8.00 -21.86 -16.36
N THR D 5 7.40 -23.02 -16.68
CA THR D 5 7.48 -24.19 -15.83
C THR D 5 7.91 -25.40 -16.65
N GLN D 6 8.51 -26.37 -15.96
CA GLN D 6 8.99 -27.60 -16.57
C GLN D 6 8.55 -28.80 -15.75
N SER D 7 8.43 -29.95 -16.42
CA SER D 7 8.07 -31.19 -15.76
C SER D 7 8.68 -32.37 -16.49
N PRO D 8 9.13 -33.41 -15.77
CA PRO D 8 9.18 -33.44 -14.30
C PRO D 8 10.42 -32.72 -13.76
N SER D 9 10.37 -32.29 -12.49
CA SER D 9 11.51 -31.61 -11.90
C SER D 9 12.73 -32.52 -11.83
N SER D 10 12.53 -33.78 -11.44
CA SER D 10 13.60 -34.77 -11.39
C SER D 10 13.20 -35.97 -12.24
N LEU D 11 14.18 -36.56 -12.92
CA LEU D 11 13.92 -37.67 -13.83
C LEU D 11 15.13 -38.59 -13.88
N SER D 12 14.87 -39.88 -13.97
CA SER D 12 15.91 -40.89 -14.12
C SER D 12 15.52 -41.85 -15.23
N ALA D 13 16.49 -42.17 -16.09
CA ALA D 13 16.23 -43.07 -17.21
C ALA D 13 17.52 -43.81 -17.55
N ALA D 14 17.37 -44.93 -18.25
CA ALA D 14 18.48 -45.79 -18.62
C ALA D 14 19.04 -45.39 -19.98
N VAL D 15 20.24 -45.89 -20.27
CA VAL D 15 20.88 -45.62 -21.55
C VAL D 15 20.13 -46.33 -22.66
N GLY D 16 19.82 -45.60 -23.73
CA GLY D 16 19.11 -46.15 -24.86
C GLY D 16 17.61 -46.01 -24.80
N ASP D 17 17.06 -45.52 -23.68
CA ASP D 17 15.63 -45.36 -23.54
C ASP D 17 15.17 -44.06 -24.20
N ARG D 18 13.86 -43.94 -24.38
CA ARG D 18 13.25 -42.74 -24.93
C ARG D 18 12.58 -41.95 -23.82
N VAL D 19 12.87 -40.65 -23.75
CA VAL D 19 12.38 -39.80 -22.68
C VAL D 19 11.73 -38.56 -23.28
N THR D 20 10.71 -38.05 -22.59
CA THR D 20 10.00 -36.84 -22.99
C THR D 20 9.86 -35.92 -21.79
N ILE D 21 10.22 -34.65 -21.96
CA ILE D 21 10.13 -33.64 -20.91
C ILE D 21 9.23 -32.52 -21.42
N THR D 22 8.28 -32.09 -20.59
CA THR D 22 7.29 -31.11 -21.01
C THR D 22 7.59 -29.74 -20.39
N CYS D 23 7.20 -28.70 -21.12
CA CYS D 23 7.40 -27.31 -20.75
C CYS D 23 6.12 -26.54 -20.98
N ARG D 24 5.78 -25.66 -20.04
CA ARG D 24 4.51 -24.94 -20.05
C ARG D 24 4.73 -23.46 -19.76
N ALA D 25 4.07 -22.61 -20.55
CA ALA D 25 4.13 -21.17 -20.39
C ALA D 25 2.86 -20.66 -19.74
N SER D 26 2.98 -19.51 -19.07
CA SER D 26 1.83 -18.90 -18.40
C SER D 26 0.78 -18.39 -19.38
N GLN D 27 1.14 -18.23 -20.65
CA GLN D 27 0.20 -17.79 -21.67
C GLN D 27 0.69 -18.32 -23.01
N SER D 28 -0.20 -18.27 -24.00
CA SER D 28 0.13 -18.75 -25.35
C SER D 28 1.29 -17.95 -25.91
N ILE D 29 2.28 -18.67 -26.45
CA ILE D 29 3.47 -18.05 -27.04
C ILE D 29 3.76 -18.55 -28.45
N GLY D 30 2.89 -19.38 -29.03
CA GLY D 30 3.16 -19.90 -30.35
C GLY D 30 4.34 -20.86 -30.34
N SER D 31 5.09 -20.86 -31.45
CA SER D 31 6.24 -21.74 -31.61
C SER D 31 7.54 -21.03 -31.25
N TYR D 32 7.50 -20.09 -30.32
CA TYR D 32 8.69 -19.32 -29.92
C TYR D 32 9.26 -19.95 -28.65
N LEU D 33 9.96 -21.07 -28.84
CA LEU D 33 10.59 -21.76 -27.72
C LEU D 33 11.93 -22.32 -28.15
N ASN D 34 12.85 -22.41 -27.18
CA ASN D 34 14.18 -22.95 -27.38
C ASN D 34 14.51 -23.90 -26.25
N TRP D 35 15.36 -24.89 -26.56
CA TRP D 35 15.77 -25.93 -25.63
C TRP D 35 17.29 -25.89 -25.50
N TYR D 36 17.78 -25.74 -24.27
CA TYR D 36 19.19 -25.74 -23.93
C TYR D 36 19.51 -26.91 -23.02
N GLN D 37 20.75 -27.41 -23.13
CA GLN D 37 21.28 -28.46 -22.26
C GLN D 37 22.49 -27.93 -21.52
N GLN D 38 22.54 -28.16 -20.20
CA GLN D 38 23.66 -27.74 -19.36
C GLN D 38 24.19 -28.96 -18.61
N LYS D 39 25.41 -29.36 -18.94
CA LYS D 39 26.08 -30.39 -18.17
C LYS D 39 26.75 -29.77 -16.94
N PRO D 40 26.94 -30.53 -15.86
CA PRO D 40 27.59 -29.99 -14.67
C PRO D 40 29.00 -29.49 -14.99
N GLY D 41 29.32 -28.31 -14.47
CA GLY D 41 30.62 -27.69 -14.70
C GLY D 41 30.78 -27.04 -16.05
N LYS D 42 29.72 -26.97 -16.86
CA LYS D 42 29.80 -26.39 -18.19
C LYS D 42 28.62 -25.44 -18.40
N ALA D 43 28.80 -24.50 -19.33
CA ALA D 43 27.74 -23.58 -19.66
C ALA D 43 26.66 -24.29 -20.48
N PRO D 44 25.41 -23.83 -20.38
CA PRO D 44 24.34 -24.43 -21.19
C PRO D 44 24.61 -24.27 -22.68
N LYS D 45 24.23 -25.29 -23.45
CA LYS D 45 24.42 -25.33 -24.89
C LYS D 45 23.08 -25.47 -25.59
N LEU D 46 22.89 -24.69 -26.65
CA LEU D 46 21.63 -24.72 -27.39
C LEU D 46 21.42 -26.08 -28.04
N LEU D 47 20.20 -26.60 -27.92
CA LEU D 47 19.78 -27.83 -28.57
C LEU D 47 18.76 -27.58 -29.67
N ILE D 48 17.66 -26.90 -29.34
CA ILE D 48 16.53 -26.75 -30.25
C ILE D 48 16.13 -25.28 -30.30
N TYR D 49 15.79 -24.80 -31.48
CA TYR D 49 15.26 -23.45 -31.65
C TYR D 49 13.92 -23.52 -32.38
N ALA D 50 13.07 -22.54 -32.09
CA ALA D 50 11.71 -22.43 -32.63
C ALA D 50 10.82 -23.59 -32.23
N ALA D 51 11.23 -24.39 -31.24
CA ALA D 51 10.48 -25.49 -30.64
C ALA D 51 10.27 -26.67 -31.59
N SER D 52 10.67 -26.55 -32.86
CA SER D 52 10.53 -27.66 -33.79
C SER D 52 11.71 -27.81 -34.75
N SER D 53 12.76 -27.02 -34.60
CA SER D 53 13.88 -27.03 -35.54
C SER D 53 15.15 -27.49 -34.83
N LEU D 54 16.03 -28.13 -35.61
CA LEU D 54 17.26 -28.72 -35.09
C LEU D 54 18.42 -27.77 -35.31
N GLN D 55 19.20 -27.54 -34.24
CA GLN D 55 20.40 -26.73 -34.34
C GLN D 55 21.46 -27.47 -35.15
N SER D 56 22.33 -26.71 -35.81
CA SER D 56 23.39 -27.31 -36.61
C SER D 56 24.43 -27.96 -35.70
N GLY D 57 24.71 -29.24 -35.95
CA GLY D 57 25.73 -29.97 -35.25
C GLY D 57 25.23 -30.86 -34.13
N VAL D 58 24.04 -30.60 -33.60
CA VAL D 58 23.47 -31.41 -32.53
C VAL D 58 23.00 -32.73 -33.13
N PRO D 59 23.12 -33.85 -32.43
CA PRO D 59 22.60 -35.12 -32.97
C PRO D 59 21.09 -35.07 -33.15
N SER D 60 20.62 -35.82 -34.15
CA SER D 60 19.20 -35.85 -34.50
C SER D 60 18.34 -36.56 -33.47
N ARG D 61 18.95 -37.24 -32.48
CA ARG D 61 18.18 -37.94 -31.47
C ARG D 61 17.35 -37.00 -30.61
N PHE D 62 17.69 -35.71 -30.58
CA PHE D 62 16.88 -34.71 -29.90
C PHE D 62 15.81 -34.18 -30.85
N SER D 63 14.58 -34.08 -30.37
CA SER D 63 13.48 -33.55 -31.16
C SER D 63 12.59 -32.68 -30.29
N GLY D 64 11.94 -31.71 -30.92
CA GLY D 64 11.02 -30.85 -30.22
C GLY D 64 9.69 -30.77 -30.93
N SER D 65 8.63 -30.59 -30.15
CA SER D 65 7.28 -30.53 -30.71
C SER D 65 6.40 -29.71 -29.79
N GLY D 66 5.24 -29.32 -30.31
CA GLY D 66 4.28 -28.58 -29.53
C GLY D 66 4.27 -27.10 -29.87
N SER D 67 3.10 -26.48 -29.68
CA SER D 67 2.94 -25.05 -29.94
C SER D 67 1.84 -24.53 -29.04
N GLY D 68 1.86 -23.22 -28.82
CA GLY D 68 0.88 -22.59 -27.95
C GLY D 68 1.34 -22.50 -26.51
N THR D 69 0.89 -23.45 -25.69
CA THR D 69 1.22 -23.46 -24.26
C THR D 69 2.02 -24.68 -23.83
N ASP D 70 1.80 -25.83 -24.46
CA ASP D 70 2.47 -27.08 -24.08
C ASP D 70 3.51 -27.42 -25.12
N PHE D 71 4.73 -27.73 -24.68
CA PHE D 71 5.80 -28.16 -25.56
C PHE D 71 6.47 -29.40 -24.98
N THR D 72 7.01 -30.24 -25.87
CA THR D 72 7.67 -31.47 -25.47
C THR D 72 9.01 -31.59 -26.16
N LEU D 73 10.02 -32.00 -25.40
CA LEU D 73 11.33 -32.33 -25.93
C LEU D 73 11.56 -33.83 -25.71
N THR D 74 11.87 -34.54 -26.79
CA THR D 74 11.96 -35.99 -26.79
C THR D 74 13.34 -36.44 -27.23
N ILE D 75 13.94 -37.35 -26.46
CA ILE D 75 15.17 -38.02 -26.83
C ILE D 75 14.82 -39.47 -27.10
N SER D 76 14.96 -39.90 -28.36
CA SER D 76 14.61 -41.27 -28.73
C SER D 76 15.54 -42.27 -28.07
N SER D 77 16.84 -42.00 -28.06
CA SER D 77 17.82 -42.87 -27.42
C SER D 77 18.65 -42.03 -26.46
N LEU D 78 18.78 -42.52 -25.23
CA LEU D 78 19.51 -41.81 -24.19
C LEU D 78 20.96 -42.29 -24.12
N GLN D 79 21.88 -41.35 -24.07
CA GLN D 79 23.30 -41.62 -23.93
C GLN D 79 23.77 -41.31 -22.52
N PRO D 80 24.88 -41.92 -22.07
CA PRO D 80 25.37 -41.62 -20.71
C PRO D 80 25.69 -40.16 -20.48
N GLU D 81 26.15 -39.44 -21.52
CA GLU D 81 26.47 -38.02 -21.36
C GLU D 81 25.23 -37.14 -21.30
N ASP D 82 24.03 -37.69 -21.54
CA ASP D 82 22.81 -36.91 -21.51
C ASP D 82 22.40 -36.49 -20.11
N PHE D 83 23.04 -37.03 -19.06
CA PHE D 83 22.76 -36.61 -17.70
C PHE D 83 23.12 -35.13 -17.55
N ALA D 84 22.10 -34.28 -17.39
CA ALA D 84 22.30 -32.84 -17.43
C ALA D 84 21.03 -32.17 -16.94
N ILE D 85 20.98 -30.84 -17.08
CA ILE D 85 19.80 -30.05 -16.77
C ILE D 85 19.32 -29.40 -18.07
N TYR D 86 18.04 -29.57 -18.37
CA TYR D 86 17.45 -29.10 -19.62
C TYR D 86 16.57 -27.90 -19.33
N TYR D 87 16.72 -26.84 -20.13
CA TYR D 87 16.00 -25.59 -19.95
C TYR D 87 15.18 -25.28 -21.18
N CYS D 88 13.95 -24.83 -20.97
CA CYS D 88 13.11 -24.30 -22.04
C CYS D 88 12.97 -22.79 -21.86
N GLN D 89 13.15 -22.05 -22.95
CA GLN D 89 13.21 -20.60 -22.93
C GLN D 89 12.26 -20.04 -23.98
N GLN D 90 11.44 -19.06 -23.60
CA GLN D 90 10.50 -18.45 -24.52
C GLN D 90 11.13 -17.26 -25.22
N SER D 91 11.02 -17.22 -26.54
CA SER D 91 11.52 -16.12 -27.35
C SER D 91 10.39 -15.23 -27.88
N TYR D 92 9.15 -15.45 -27.43
CA TYR D 92 8.04 -14.64 -27.91
C TYR D 92 8.13 -13.22 -27.38
N VAL D 93 8.38 -13.06 -26.08
CA VAL D 93 8.46 -11.75 -25.44
C VAL D 93 9.92 -11.37 -25.30
N SER D 94 10.27 -10.20 -25.81
CA SER D 94 11.62 -9.67 -25.81
C SER D 94 11.60 -8.23 -25.29
N PRO D 95 12.70 -7.76 -24.69
CA PRO D 95 13.98 -8.46 -24.49
C PRO D 95 14.04 -9.25 -23.19
N THR D 96 12.97 -9.20 -22.39
CA THR D 96 12.94 -9.88 -21.10
C THR D 96 12.68 -11.37 -21.33
N TYR D 97 13.72 -12.07 -21.77
CA TYR D 97 13.65 -13.51 -21.97
C TYR D 97 13.66 -14.23 -20.63
N THR D 98 12.92 -15.33 -20.55
CA THR D 98 12.82 -16.12 -19.33
C THR D 98 13.11 -17.58 -19.65
N PHE D 99 13.72 -18.27 -18.70
CA PHE D 99 14.08 -19.68 -18.83
C PHE D 99 13.22 -20.54 -17.92
N GLY D 100 13.11 -21.81 -18.28
CA GLY D 100 12.41 -22.77 -17.46
C GLY D 100 13.22 -23.09 -16.21
N PRO D 101 12.56 -23.68 -15.21
CA PRO D 101 13.27 -24.03 -13.98
C PRO D 101 14.37 -25.06 -14.18
N GLY D 102 14.29 -25.86 -15.24
CA GLY D 102 15.32 -26.84 -15.52
C GLY D 102 14.97 -28.22 -15.00
N THR D 103 14.95 -29.21 -15.89
CA THR D 103 14.66 -30.58 -15.51
C THR D 103 15.95 -31.41 -15.56
N LYS D 104 16.15 -32.23 -14.53
CA LYS D 104 17.38 -33.01 -14.40
C LYS D 104 17.18 -34.41 -14.97
N VAL D 105 18.03 -34.78 -15.91
CA VAL D 105 18.00 -36.12 -16.52
C VAL D 105 19.27 -36.85 -16.08
N ASP D 106 19.08 -37.95 -15.35
CA ASP D 106 20.17 -38.75 -14.83
C ASP D 106 20.33 -40.02 -15.66
N ILE D 107 21.21 -40.90 -15.22
CA ILE D 107 21.45 -42.19 -15.87
C ILE D 107 21.20 -43.30 -14.87
N LYS D 108 20.36 -44.26 -15.26
CA LYS D 108 20.03 -45.38 -14.39
C LYS D 108 21.08 -46.49 -14.49
#